data_8DC2
#
_entry.id   8DC2
#
_cell.length_a   1.00
_cell.length_b   1.00
_cell.length_c   1.00
_cell.angle_alpha   90.00
_cell.angle_beta   90.00
_cell.angle_gamma   90.00
#
_symmetry.space_group_name_H-M   'P 1'
#
loop_
_entity.id
_entity.type
_entity.pdbx_description
1 polymer CasLambda
2 polymer 'RNA (51-MER)'
3 polymer 'DNA TS'
4 polymer 'DNA NTS'
#
loop_
_entity_poly.entity_id
_entity_poly.type
_entity_poly.pdbx_seq_one_letter_code
_entity_poly.pdbx_strand_id
1 'polypeptide(L)'
;MASHKKTESNQIIKTFSFKIKNANGLSLDVLNDAITEYQNYYNICSDWIKDHLTMKISELYKYIPNEKKNSGYALTLISD
EWKDKPMYMMFKKGYPANNRDNAIYETLNTCNTEHYTGNILNFSDTYYRRFGYVASAISNYVTKISKMSTGSRSKNISND
SDVDTIMEQVIYEMEHNGWTSVKDWENQMEYLESKTDSNPNFVYRMTTLYEFYKSHIDEVNSKMETMSIDSLIKFGGCRR
KDSKKSMYIMGGSNTPFDITQIGGNSLNIKFSKNLNVDVFGRYDVIKDNTLLVDIINGHGASFVLKIINDEIYIDINVSV
PFDKKIATTNKVVGIDVNIKHMLLATNILDDGNVKGYVNIYKEVINDSDFKKVCNSTVMQYFTDFSKFVTFCPLEFDFLF
SRVCNQKGIYNDNSAMEKSFSDVLNKLKWNFIETGDNTKRIYIENVMKLRSQMKAYAIVKNAYYKQQSEYDFGKSEEFIQ
EHPFSNTDKGIEILNKLDNISKKILGCRNNIIQYSYNLFEINGYDMVSLEKLTSSQFKKKPFPTVNSLLKYHKILGCTQE
EMEKKDIYSVIKKGYYDIIFDNDVVTDAKLSAKGELSKFKDDFFNLMIKSIHFADIKDYFITLSNNGTAGVSLVPSYFTS
QMDSIDHKIYFVQDNKSGKLKLANKHKVRSSQEKHINGLNADYNAARNIAYIMENTDCRNMFMKQSRTDKSLYNKPSYET
FIKTQGSAVAKLKKEGFVKILDEASVGSSGHHHHHH
;
A
2 'polyribonucleotide' AUUGUUGUAACUCUUAUUUUGUAUGGAGUAAACAACUAGCAUCACCUUCACC B
3 'polydeoxyribonucleotide'
;(DC)(DA)(DT)(DT)(DA)(DA)(DC)(DA)(DT)(DT)(DA)(DC)(DT)(DA)(DA)(DG)(DA)(DG)(DG)(DG)
(DT)(DG)(DA)(DA)(DG)(DG)(DT)(DG)(DA)(DT)(DG)(DC)(DT)(DA)(DC)(DA)(DA)(DA)(DC)(DG)
(DG)(DT)(DC)(DA)(DA)(DG)
;
C
4 'polydeoxyribonucleotide'
;(DC)(DT)(DT)(DG)(DA)(DC)(DC)(DG)(DT)(DT)(DT)(DG)(DA)(DT)(DC)(DG)(DT)(DA)(DG)(DT)
(DG)(DG)(DA)(DA)(DG)(DT)(DG)(DG)(DG)(DA)(DG)(DA)(DT)(DA)(DG)(DT)(DA)(DA)(DT)(DG)
(DT)(DT)(DA)(DA)(DT)(DG)
;
D
#
loop_
_chem_comp.id
_chem_comp.type
_chem_comp.name
_chem_comp.formula
A RNA linking ADENOSINE-5'-MONOPHOSPHATE 'C10 H14 N5 O7 P'
C RNA linking CYTIDINE-5'-MONOPHOSPHATE 'C9 H14 N3 O8 P'
DA DNA linking 2'-DEOXYADENOSINE-5'-MONOPHOSPHATE 'C10 H14 N5 O6 P'
DC DNA linking 2'-DEOXYCYTIDINE-5'-MONOPHOSPHATE 'C9 H14 N3 O7 P'
DG DNA linking 2'-DEOXYGUANOSINE-5'-MONOPHOSPHATE 'C10 H14 N5 O7 P'
DT DNA linking THYMIDINE-5'-MONOPHOSPHATE 'C10 H15 N2 O8 P'
G RNA linking GUANOSINE-5'-MONOPHOSPHATE 'C10 H14 N5 O8 P'
U RNA linking URIDINE-5'-MONOPHOSPHATE 'C9 H13 N2 O9 P'
#
# COMPACT_ATOMS: atom_id res chain seq x y z
N HIS A 4 -13.46 5.75 -15.84
CA HIS A 4 -14.43 6.83 -15.73
C HIS A 4 -14.49 7.64 -17.00
N LYS A 5 -13.80 8.78 -17.03
CA LYS A 5 -13.72 9.60 -18.21
C LYS A 5 -12.34 9.60 -18.85
N LYS A 6 -11.31 9.18 -18.12
CA LYS A 6 -9.96 9.01 -18.65
C LYS A 6 -9.68 7.52 -18.79
N THR A 7 -9.25 7.12 -19.98
CA THR A 7 -8.91 5.73 -20.26
C THR A 7 -7.42 5.61 -20.58
N GLU A 8 -6.77 4.63 -19.96
CA GLU A 8 -5.34 4.41 -20.16
C GLU A 8 -5.13 3.06 -20.86
N SER A 9 -4.32 3.07 -21.91
CA SER A 9 -4.00 1.87 -22.68
C SER A 9 -2.49 1.77 -22.80
N ASN A 10 -1.92 0.69 -22.26
CA ASN A 10 -0.48 0.42 -22.22
C ASN A 10 0.33 1.63 -21.76
N GLN A 11 -0.31 2.52 -21.00
CA GLN A 11 0.32 3.73 -20.50
C GLN A 11 -0.06 3.91 -19.04
N ILE A 12 0.69 4.75 -18.34
CA ILE A 12 0.45 5.03 -16.94
C ILE A 12 0.38 6.53 -16.75
N ILE A 13 -0.39 6.95 -15.74
CA ILE A 13 -0.53 8.36 -15.41
C ILE A 13 0.37 8.63 -14.21
N LYS A 14 1.43 9.41 -14.42
CA LYS A 14 2.42 9.68 -13.39
C LYS A 14 2.24 11.10 -12.89
N THR A 15 2.18 11.26 -11.56
CA THR A 15 1.99 12.55 -10.92
C THR A 15 3.32 13.03 -10.36
N PHE A 16 3.72 14.24 -10.74
CA PHE A 16 4.97 14.84 -10.30
C PHE A 16 4.68 16.06 -9.44
N SER A 17 5.25 16.10 -8.25
CA SER A 17 5.08 17.21 -7.33
C SER A 17 6.21 18.21 -7.50
N PHE A 18 5.86 19.47 -7.69
CA PHE A 18 6.83 20.52 -7.96
C PHE A 18 6.79 21.55 -6.84
N LYS A 19 7.96 21.85 -6.27
CA LYS A 19 8.04 22.91 -5.28
C LYS A 19 7.93 24.27 -5.96
N ILE A 20 7.17 25.16 -5.36
CA ILE A 20 6.83 26.43 -5.97
C ILE A 20 7.91 27.45 -5.63
N LYS A 21 8.14 28.39 -6.55
CA LYS A 21 8.97 29.56 -6.30
C LYS A 21 8.43 30.72 -7.10
N ASN A 22 8.63 31.93 -6.58
CA ASN A 22 8.05 33.13 -7.18
C ASN A 22 6.53 33.02 -7.28
N ALA A 23 5.89 32.60 -6.20
CA ALA A 23 4.44 32.48 -6.14
C ALA A 23 3.84 33.88 -6.19
N ASN A 24 3.22 34.22 -7.32
CA ASN A 24 2.73 35.58 -7.54
C ASN A 24 1.46 35.79 -6.72
N GLY A 25 1.66 36.05 -5.42
CA GLY A 25 0.57 36.27 -4.51
C GLY A 25 0.06 35.05 -3.79
N LEU A 26 0.47 33.86 -4.21
CA LEU A 26 0.04 32.61 -3.56
C LEU A 26 0.90 32.39 -2.33
N SER A 27 0.54 33.09 -1.25
CA SER A 27 1.29 33.00 -0.01
C SER A 27 0.90 31.74 0.76
N LEU A 28 1.59 31.50 1.87
CA LEU A 28 1.30 30.32 2.69
C LEU A 28 -0.01 30.48 3.43
N ASP A 29 -0.24 31.64 4.04
CA ASP A 29 -1.47 31.85 4.81
C ASP A 29 -2.69 31.90 3.90
N VAL A 30 -2.58 32.55 2.75
CA VAL A 30 -3.70 32.64 1.82
C VAL A 30 -4.06 31.26 1.30
N LEU A 31 -3.06 30.46 0.92
CA LEU A 31 -3.33 29.11 0.45
C LEU A 31 -3.91 28.25 1.57
N ASN A 32 -3.43 28.43 2.80
CA ASN A 32 -3.99 27.68 3.92
C ASN A 32 -5.46 28.01 4.14
N ASP A 33 -5.80 29.30 4.07
CA ASP A 33 -7.20 29.70 4.20
C ASP A 33 -8.05 29.13 3.06
N ALA A 34 -7.52 29.16 1.84
CA ALA A 34 -8.25 28.60 0.71
C ALA A 34 -8.48 27.10 0.89
N ILE A 35 -7.47 26.39 1.38
CA ILE A 35 -7.61 24.95 1.64
C ILE A 35 -8.65 24.70 2.72
N THR A 36 -8.65 25.53 3.77
CA THR A 36 -9.65 25.37 4.82
C THR A 36 -11.05 25.58 4.27
N GLU A 37 -11.25 26.60 3.42
CA GLU A 37 -12.56 26.83 2.83
C GLU A 37 -12.96 25.67 1.91
N TYR A 38 -12.00 25.14 1.15
CA TYR A 38 -12.27 23.99 0.29
C TYR A 38 -12.72 22.80 1.10
N GLN A 39 -12.03 22.52 2.20
CA GLN A 39 -12.41 21.41 3.08
C GLN A 39 -13.78 21.64 3.69
N ASN A 40 -14.08 22.88 4.08
CA ASN A 40 -15.39 23.18 4.65
C ASN A 40 -16.50 22.93 3.64
N TYR A 41 -16.30 23.38 2.40
CA TYR A 41 -17.31 23.16 1.37
C TYR A 41 -17.50 21.66 1.11
N TYR A 42 -16.38 20.93 1.02
CA TYR A 42 -16.46 19.49 0.81
C TYR A 42 -17.21 18.82 1.95
N ASN A 43 -16.93 19.23 3.19
CA ASN A 43 -17.59 18.62 4.33
C ASN A 43 -19.09 18.90 4.33
N ILE A 44 -19.49 20.12 3.99
CA ILE A 44 -20.91 20.44 3.98
C ILE A 44 -21.62 19.66 2.88
N CYS A 45 -20.99 19.53 1.71
CA CYS A 45 -21.61 18.74 0.64
C CYS A 45 -21.69 17.26 1.02
N SER A 46 -20.67 16.74 1.71
CA SER A 46 -20.72 15.36 2.16
C SER A 46 -21.83 15.17 3.19
N ASP A 47 -22.02 16.14 4.08
CA ASP A 47 -23.11 16.06 5.04
C ASP A 47 -24.46 16.07 4.33
N TRP A 48 -24.62 16.90 3.31
CA TRP A 48 -25.86 16.90 2.54
C TRP A 48 -26.08 15.55 1.87
N ILE A 49 -25.02 14.96 1.31
CA ILE A 49 -25.14 13.65 0.66
C ILE A 49 -25.58 12.61 1.68
N LYS A 50 -24.99 12.65 2.88
CA LYS A 50 -25.40 11.73 3.94
C LYS A 50 -26.88 11.88 4.27
N ASP A 51 -27.30 13.12 4.56
CA ASP A 51 -28.65 13.36 5.08
C ASP A 51 -29.74 12.92 4.11
N HIS A 52 -29.45 12.84 2.81
CA HIS A 52 -30.41 12.43 1.82
C HIS A 52 -30.07 11.09 1.18
N LEU A 53 -29.19 10.31 1.82
CA LEU A 53 -28.64 9.14 1.14
C LEU A 53 -29.68 8.03 1.03
N THR A 54 -30.51 7.84 2.06
CA THR A 54 -31.59 6.85 2.02
C THR A 54 -32.90 7.53 1.63
N MET A 55 -32.90 8.04 0.39
CA MET A 55 -34.01 8.86 -0.09
C MET A 55 -34.30 8.49 -1.53
N LYS A 56 -35.56 8.64 -1.92
CA LYS A 56 -35.99 8.23 -3.26
C LYS A 56 -35.26 9.03 -4.33
N ILE A 57 -34.78 8.35 -5.36
CA ILE A 57 -34.06 9.02 -6.44
C ILE A 57 -34.99 9.97 -7.19
N SER A 58 -36.21 9.53 -7.48
CA SER A 58 -37.14 10.36 -8.22
C SER A 58 -37.57 11.60 -7.45
N GLU A 59 -37.30 11.66 -6.14
CA GLU A 59 -37.63 12.87 -5.38
C GLU A 59 -36.67 13.99 -5.72
N LEU A 60 -35.43 13.67 -6.12
CA LEU A 60 -34.46 14.68 -6.51
C LEU A 60 -34.82 15.42 -7.78
N TYR A 61 -35.75 14.89 -8.57
CA TYR A 61 -36.16 15.54 -9.81
C TYR A 61 -36.79 16.90 -9.58
N LYS A 62 -37.36 17.13 -8.40
CA LYS A 62 -37.98 18.41 -8.12
C LYS A 62 -36.97 19.53 -7.94
N TYR A 63 -35.68 19.22 -7.87
CA TYR A 63 -34.65 20.23 -7.69
C TYR A 63 -34.09 20.77 -9.00
N ILE A 64 -34.22 20.03 -10.09
CA ILE A 64 -33.67 20.47 -11.37
C ILE A 64 -34.42 21.72 -11.83
N PRO A 65 -33.72 22.74 -12.33
CA PRO A 65 -34.42 23.91 -12.88
C PRO A 65 -35.26 23.54 -14.09
N ASN A 66 -36.31 24.33 -14.31
CA ASN A 66 -37.27 24.01 -15.38
C ASN A 66 -36.61 23.96 -16.74
N GLU A 67 -35.64 24.84 -16.99
CA GLU A 67 -34.97 24.88 -18.28
C GLU A 67 -34.11 23.65 -18.55
N LYS A 68 -33.85 22.83 -17.53
CA LYS A 68 -33.03 21.63 -17.68
C LYS A 68 -33.82 20.36 -17.40
N LYS A 69 -35.15 20.43 -17.40
CA LYS A 69 -35.95 19.24 -17.12
C LYS A 69 -35.80 18.19 -18.22
N ASN A 70 -35.64 18.62 -19.47
CA ASN A 70 -35.49 17.70 -20.59
C ASN A 70 -34.07 17.20 -20.75
N SER A 71 -33.21 17.38 -19.74
CA SER A 71 -31.83 16.94 -19.82
C SER A 71 -31.75 15.43 -19.77
N GLY A 72 -30.64 14.90 -20.28
CA GLY A 72 -30.45 13.46 -20.29
C GLY A 72 -30.39 12.87 -18.89
N TYR A 73 -29.67 13.53 -17.98
CA TYR A 73 -29.53 13.01 -16.63
C TYR A 73 -30.81 13.21 -15.81
N ALA A 74 -31.53 14.30 -16.04
CA ALA A 74 -32.77 14.51 -15.31
C ALA A 74 -33.83 13.47 -15.66
N LEU A 75 -33.85 13.02 -16.92
CA LEU A 75 -34.83 12.01 -17.32
C LEU A 75 -34.60 10.71 -16.56
N THR A 76 -33.34 10.32 -16.36
CA THR A 76 -33.04 9.09 -15.65
C THR A 76 -33.49 9.14 -14.19
N LEU A 77 -33.61 10.34 -13.61
CA LEU A 77 -34.03 10.45 -12.22
C LEU A 77 -35.43 9.91 -12.01
N ILE A 78 -36.34 10.18 -12.95
CA ILE A 78 -37.73 9.73 -12.85
C ILE A 78 -38.00 8.54 -13.76
N SER A 79 -36.97 7.99 -14.40
CA SER A 79 -37.17 6.78 -15.20
C SER A 79 -37.59 5.63 -14.30
N ASP A 80 -38.43 4.75 -14.84
CA ASP A 80 -39.04 3.70 -14.03
C ASP A 80 -38.00 2.76 -13.44
N GLU A 81 -36.84 2.63 -14.07
CA GLU A 81 -35.81 1.73 -13.56
C GLU A 81 -35.28 2.19 -12.21
N TRP A 82 -35.09 3.50 -12.03
CA TRP A 82 -34.58 4.06 -10.78
C TRP A 82 -35.59 4.95 -10.08
N LYS A 83 -36.85 4.93 -10.51
CA LYS A 83 -37.84 5.86 -9.96
C LYS A 83 -38.07 5.62 -8.47
N ASP A 84 -38.16 4.35 -8.07
CA ASP A 84 -38.54 3.99 -6.70
C ASP A 84 -37.40 3.30 -5.96
N LYS A 85 -36.20 3.85 -6.07
CA LYS A 85 -35.03 3.32 -5.42
C LYS A 85 -34.37 4.38 -4.55
N PRO A 86 -33.65 3.98 -3.50
CA PRO A 86 -32.97 4.96 -2.66
C PRO A 86 -31.81 5.62 -3.39
N MET A 87 -31.42 6.80 -2.90
CA MET A 87 -30.43 7.61 -3.61
C MET A 87 -29.07 6.90 -3.65
N TYR A 88 -28.77 6.08 -2.65
CA TYR A 88 -27.47 5.41 -2.63
C TYR A 88 -27.30 4.43 -3.76
N MET A 89 -28.39 4.08 -4.47
CA MET A 89 -28.29 3.13 -5.56
C MET A 89 -27.65 3.72 -6.81
N MET A 90 -27.60 5.05 -6.92
CA MET A 90 -26.89 5.65 -8.05
C MET A 90 -25.37 5.47 -7.92
N PHE A 91 -24.88 5.32 -6.68
CA PHE A 91 -23.46 5.09 -6.48
C PHE A 91 -23.15 3.61 -6.67
N LYS A 92 -23.57 3.06 -7.80
CA LYS A 92 -23.39 1.65 -8.10
C LYS A 92 -23.00 1.52 -9.56
N LYS A 93 -22.45 0.36 -9.92
CA LYS A 93 -21.98 0.13 -11.27
C LYS A 93 -23.09 0.30 -12.30
N GLY A 94 -24.33 -0.04 -11.94
CA GLY A 94 -25.40 -0.01 -12.92
C GLY A 94 -25.74 1.40 -13.38
N TYR A 95 -25.81 2.35 -12.44
CA TYR A 95 -26.21 3.70 -12.79
C TYR A 95 -25.16 4.38 -13.67
N PRO A 96 -25.59 5.22 -14.60
CA PRO A 96 -24.62 5.99 -15.40
C PRO A 96 -23.88 7.01 -14.54
N ALA A 97 -22.56 6.98 -14.61
CA ALA A 97 -21.75 7.83 -13.75
C ALA A 97 -21.95 9.31 -14.09
N ASN A 98 -21.95 9.65 -15.37
CA ASN A 98 -22.07 11.04 -15.77
C ASN A 98 -23.43 11.62 -15.38
N ASN A 99 -24.49 10.84 -15.58
CA ASN A 99 -25.81 11.29 -15.17
C ASN A 99 -25.87 11.50 -13.66
N ARG A 100 -25.27 10.59 -12.89
CA ARG A 100 -25.20 10.76 -11.45
C ARG A 100 -24.50 12.07 -11.08
N ASP A 101 -23.34 12.31 -11.70
CA ASP A 101 -22.57 13.51 -11.38
C ASP A 101 -23.38 14.77 -11.69
N ASN A 102 -23.94 14.86 -12.90
CA ASN A 102 -24.67 16.05 -13.29
C ASN A 102 -25.91 16.26 -12.44
N ALA A 103 -26.66 15.19 -12.18
CA ALA A 103 -27.88 15.31 -11.39
C ALA A 103 -27.59 15.76 -9.97
N ILE A 104 -26.57 15.16 -9.34
CA ILE A 104 -26.27 15.53 -7.96
C ILE A 104 -25.72 16.96 -7.91
N TYR A 105 -24.91 17.36 -8.90
CA TYR A 105 -24.43 18.74 -8.92
C TYR A 105 -25.59 19.72 -9.06
N GLU A 106 -26.56 19.40 -9.92
CA GLU A 106 -27.72 20.28 -10.06
C GLU A 106 -28.52 20.36 -8.77
N THR A 107 -28.71 19.23 -8.10
CA THR A 107 -29.42 19.24 -6.82
C THR A 107 -28.69 20.09 -5.79
N LEU A 108 -27.36 19.95 -5.73
CA LEU A 108 -26.59 20.74 -4.79
C LEU A 108 -26.66 22.23 -5.11
N ASN A 109 -26.59 22.57 -6.40
CA ASN A 109 -26.65 23.98 -6.80
C ASN A 109 -28.00 24.60 -6.47
N THR A 110 -29.08 23.87 -6.75
CA THR A 110 -30.42 24.39 -6.44
C THR A 110 -30.62 24.49 -4.93
N CYS A 111 -30.31 23.42 -4.20
CA CYS A 111 -30.48 23.44 -2.75
C CYS A 111 -29.54 24.45 -2.11
N ASN A 112 -28.30 24.53 -2.58
CA ASN A 112 -27.30 25.46 -2.06
C ASN A 112 -27.13 25.28 -0.55
N THR A 113 -26.95 24.03 -0.13
CA THR A 113 -26.83 23.72 1.29
C THR A 113 -25.64 24.42 1.93
N GLU A 114 -24.62 24.75 1.16
CA GLU A 114 -23.56 25.64 1.59
C GLU A 114 -23.61 26.90 0.74
N HIS A 115 -23.44 28.06 1.39
CA HIS A 115 -23.56 29.34 0.71
C HIS A 115 -22.27 29.59 -0.08
N TYR A 116 -22.21 29.04 -1.29
CA TYR A 116 -21.04 29.19 -2.13
C TYR A 116 -20.98 30.60 -2.69
N THR A 117 -20.27 31.50 -1.98
CA THR A 117 -20.09 32.86 -2.44
C THR A 117 -18.81 33.05 -3.23
N GLY A 118 -18.05 31.99 -3.46
CA GLY A 118 -16.78 32.10 -4.16
C GLY A 118 -15.61 31.77 -3.26
N ASN A 119 -14.54 31.25 -3.84
CA ASN A 119 -13.36 30.87 -3.09
C ASN A 119 -12.41 32.04 -2.94
N ILE A 120 -11.35 31.84 -2.15
CA ILE A 120 -10.40 32.91 -1.87
C ILE A 120 -9.50 33.16 -3.07
N LEU A 121 -8.98 32.09 -3.68
CA LEU A 121 -8.05 32.23 -4.79
C LEU A 121 -8.73 32.65 -6.09
N ASN A 122 -10.05 32.84 -6.08
CA ASN A 122 -10.78 33.34 -7.24
C ASN A 122 -10.63 32.42 -8.45
N PHE A 123 -10.64 31.12 -8.21
CA PHE A 123 -10.79 30.17 -9.31
C PHE A 123 -12.19 30.30 -9.90
N SER A 124 -12.30 30.02 -11.19
CA SER A 124 -13.61 30.05 -11.83
C SER A 124 -14.51 28.99 -11.21
N ASP A 125 -15.81 29.28 -11.17
CA ASP A 125 -16.74 28.45 -10.41
C ASP A 125 -16.78 27.02 -10.94
N THR A 126 -16.72 26.85 -12.27
CA THR A 126 -16.92 25.52 -12.83
C THR A 126 -15.87 24.54 -12.30
N TYR A 127 -14.58 24.87 -12.42
CA TYR A 127 -13.54 23.97 -11.95
C TYR A 127 -13.69 23.71 -10.46
N TYR A 128 -13.53 24.78 -9.68
CA TYR A 128 -13.46 24.66 -8.23
C TYR A 128 -14.66 23.92 -7.65
N ARG A 129 -15.87 24.34 -8.02
CA ARG A 129 -17.05 23.70 -7.45
C ARG A 129 -17.43 22.42 -8.19
N ARG A 130 -17.80 22.54 -9.47
CA ARG A 130 -18.41 21.40 -10.15
C ARG A 130 -17.41 20.29 -10.37
N PHE A 131 -16.16 20.62 -10.69
CA PHE A 131 -15.19 19.60 -11.05
C PHE A 131 -14.27 19.21 -9.90
N GLY A 132 -13.84 20.17 -9.08
CA GLY A 132 -12.97 19.81 -7.97
C GLY A 132 -13.65 19.10 -6.80
N TYR A 133 -14.42 19.84 -6.02
CA TYR A 133 -14.80 19.29 -4.72
C TYR A 133 -16.14 18.57 -4.76
N VAL A 134 -17.11 19.04 -5.56
CA VAL A 134 -18.34 18.29 -5.71
C VAL A 134 -18.05 16.93 -6.34
N ALA A 135 -17.26 16.92 -7.41
CA ALA A 135 -16.91 15.66 -8.06
C ALA A 135 -16.05 14.79 -7.14
N SER A 136 -15.14 15.39 -6.38
CA SER A 136 -14.35 14.61 -5.43
C SER A 136 -15.24 13.95 -4.38
N ALA A 137 -16.22 14.70 -3.86
CA ALA A 137 -17.13 14.14 -2.86
C ALA A 137 -17.98 13.02 -3.45
N ILE A 138 -18.45 13.20 -4.69
CA ILE A 138 -19.25 12.16 -5.31
C ILE A 138 -18.42 10.92 -5.55
N SER A 139 -17.17 11.08 -5.98
CA SER A 139 -16.30 9.92 -6.19
C SER A 139 -16.00 9.21 -4.87
N ASN A 140 -15.81 9.97 -3.79
CA ASN A 140 -15.59 9.35 -2.48
C ASN A 140 -16.83 8.59 -2.02
N TYR A 141 -18.02 9.17 -2.21
CA TYR A 141 -19.22 8.43 -1.84
C TYR A 141 -19.43 7.22 -2.72
N VAL A 142 -18.99 7.29 -3.98
CA VAL A 142 -19.05 6.11 -4.85
C VAL A 142 -18.17 5.01 -4.30
N THR A 143 -16.91 5.35 -3.97
CA THR A 143 -16.01 4.33 -3.45
C THR A 143 -16.42 3.83 -2.08
N LYS A 144 -17.26 4.57 -1.35
CA LYS A 144 -17.74 4.08 -0.07
C LYS A 144 -18.96 3.17 -0.26
N ILE A 145 -19.97 3.65 -0.99
CA ILE A 145 -21.22 2.91 -1.13
C ILE A 145 -21.05 1.66 -1.98
N SER A 146 -20.16 1.71 -2.98
CA SER A 146 -20.11 0.66 -4.00
C SER A 146 -19.82 -0.70 -3.39
N LYS A 147 -18.85 -0.77 -2.47
CA LYS A 147 -18.45 -2.02 -1.86
C LYS A 147 -18.88 -2.11 -0.40
N MET A 148 -20.02 -1.52 -0.08
CA MET A 148 -20.47 -1.42 1.31
C MET A 148 -21.04 -2.75 1.79
N SER A 149 -20.28 -3.42 2.66
CA SER A 149 -20.63 -4.75 3.15
C SER A 149 -21.58 -4.59 4.32
N THR A 150 -22.80 -5.12 4.18
CA THR A 150 -23.81 -5.04 5.22
C THR A 150 -23.50 -5.89 6.44
N GLY A 151 -22.37 -6.58 6.45
CA GLY A 151 -21.98 -7.41 7.58
C GLY A 151 -22.17 -8.90 7.39
N SER A 152 -22.63 -9.34 6.22
CA SER A 152 -22.81 -10.76 5.95
C SER A 152 -21.44 -11.38 5.66
N ARG A 153 -20.85 -12.01 6.67
CA ARG A 153 -19.54 -12.62 6.52
C ARG A 153 -19.64 -13.90 5.69
N SER A 154 -18.76 -14.03 4.71
CA SER A 154 -18.77 -15.21 3.84
C SER A 154 -18.27 -16.43 4.61
N LYS A 155 -18.95 -17.55 4.43
CA LYS A 155 -18.61 -18.81 5.07
C LYS A 155 -18.34 -19.88 4.01
N ASN A 156 -17.52 -20.88 4.37
CA ASN A 156 -16.94 -21.79 3.40
C ASN A 156 -17.85 -22.95 3.00
N ILE A 157 -18.71 -23.45 3.90
CA ILE A 157 -19.48 -24.65 3.58
C ILE A 157 -20.50 -24.37 2.48
N SER A 158 -20.70 -23.11 2.13
CA SER A 158 -21.28 -22.67 0.85
C SER A 158 -22.74 -23.12 0.75
N ASN A 159 -23.18 -23.58 -0.42
CA ASN A 159 -24.59 -23.60 -0.76
C ASN A 159 -25.39 -24.63 0.04
N ASP A 160 -24.85 -25.83 0.23
CA ASP A 160 -25.62 -26.93 0.80
C ASP A 160 -25.83 -26.66 2.29
N SER A 161 -26.84 -25.85 2.60
CA SER A 161 -27.17 -25.48 3.96
C SER A 161 -28.60 -24.95 3.99
N ASP A 162 -28.96 -24.31 5.10
CA ASP A 162 -30.33 -23.86 5.33
C ASP A 162 -30.70 -22.70 4.40
N VAL A 163 -31.96 -22.28 4.48
CA VAL A 163 -32.45 -21.17 3.67
C VAL A 163 -31.83 -19.85 4.11
N ASP A 164 -31.61 -19.67 5.42
CA ASP A 164 -30.95 -18.47 5.90
C ASP A 164 -29.55 -18.36 5.30
N THR A 165 -28.86 -19.49 5.19
CA THR A 165 -27.59 -19.52 4.47
C THR A 165 -27.76 -19.00 3.04
N ILE A 166 -28.80 -19.46 2.34
CA ILE A 166 -29.01 -19.02 0.97
C ILE A 166 -29.19 -17.51 0.92
N MET A 167 -30.01 -16.97 1.82
CA MET A 167 -30.24 -15.53 1.84
C MET A 167 -28.94 -14.77 2.07
N GLU A 168 -28.19 -15.16 3.10
CA GLU A 168 -26.96 -14.44 3.44
C GLU A 168 -25.96 -14.51 2.29
N GLN A 169 -25.81 -15.68 1.67
CA GLN A 169 -24.82 -15.80 0.61
C GLN A 169 -25.26 -15.09 -0.66
N VAL A 170 -26.55 -15.05 -0.96
CA VAL A 170 -27.02 -14.28 -2.11
C VAL A 170 -26.80 -12.79 -1.89
N ILE A 171 -27.05 -12.32 -0.66
CA ILE A 171 -26.76 -10.91 -0.35
C ILE A 171 -25.28 -10.63 -0.52
N TYR A 172 -24.43 -11.52 0.00
CA TYR A 172 -22.99 -11.32 -0.09
C TYR A 172 -22.53 -11.29 -1.54
N GLU A 173 -23.06 -12.18 -2.38
CA GLU A 173 -22.61 -12.23 -3.77
C GLU A 173 -23.16 -11.08 -4.59
N MET A 174 -24.38 -10.62 -4.29
CA MET A 174 -24.91 -9.46 -5.01
C MET A 174 -24.17 -8.20 -4.63
N GLU A 175 -23.76 -8.07 -3.37
CA GLU A 175 -23.16 -6.83 -2.90
C GLU A 175 -21.65 -6.77 -3.10
N HIS A 176 -20.91 -7.77 -2.60
CA HIS A 176 -19.47 -7.64 -2.44
C HIS A 176 -18.79 -7.29 -3.76
N ASN A 177 -19.36 -7.72 -4.88
CA ASN A 177 -18.85 -7.34 -6.19
C ASN A 177 -19.76 -6.33 -6.88
N GLY A 178 -20.66 -5.70 -6.15
CA GLY A 178 -21.42 -4.58 -6.65
C GLY A 178 -22.43 -4.89 -7.75
N TRP A 179 -23.51 -5.58 -7.41
CA TRP A 179 -24.57 -5.88 -8.36
C TRP A 179 -25.91 -5.45 -7.82
N THR A 180 -26.73 -4.87 -8.70
CA THR A 180 -28.07 -4.43 -8.34
C THR A 180 -29.11 -5.01 -9.28
N SER A 181 -28.75 -5.13 -10.56
CA SER A 181 -29.68 -5.59 -11.59
C SER A 181 -29.40 -7.03 -11.97
N VAL A 182 -30.45 -7.72 -12.41
CA VAL A 182 -30.32 -9.12 -12.82
C VAL A 182 -29.52 -9.22 -14.11
N LYS A 183 -29.60 -8.22 -15.00
CA LYS A 183 -28.90 -8.29 -16.27
C LYS A 183 -27.39 -8.32 -16.08
N ASP A 184 -26.87 -7.49 -15.17
CA ASP A 184 -25.43 -7.49 -14.90
C ASP A 184 -25.00 -8.83 -14.31
N TRP A 185 -25.83 -9.39 -13.44
CA TRP A 185 -25.53 -10.71 -12.86
C TRP A 185 -25.48 -11.78 -13.94
N GLU A 186 -26.42 -11.75 -14.88
CA GLU A 186 -26.40 -12.71 -15.97
C GLU A 186 -25.18 -12.50 -16.87
N ASN A 187 -24.78 -11.24 -17.06
CA ASN A 187 -23.56 -10.96 -17.82
C ASN A 187 -22.34 -11.55 -17.13
N GLN A 188 -22.27 -11.43 -15.81
CA GLN A 188 -21.16 -12.04 -15.08
C GLN A 188 -21.17 -13.56 -15.20
N MET A 189 -22.36 -14.17 -15.10
CA MET A 189 -22.43 -15.61 -15.27
C MET A 189 -22.00 -16.04 -16.67
N GLU A 190 -22.37 -15.24 -17.68
CA GLU A 190 -21.91 -15.51 -19.03
C GLU A 190 -20.39 -15.41 -19.14
N TYR A 191 -19.81 -14.40 -18.49
CA TYR A 191 -18.35 -14.28 -18.46
C TYR A 191 -17.71 -15.49 -17.82
N LEU A 192 -18.26 -15.94 -16.69
CA LEU A 192 -17.70 -17.09 -15.99
C LEU A 192 -17.81 -18.36 -16.83
N GLU A 193 -18.95 -18.56 -17.49
CA GLU A 193 -19.11 -19.73 -18.33
C GLU A 193 -18.27 -19.67 -19.60
N SER A 194 -17.91 -18.47 -20.05
CA SER A 194 -17.01 -18.35 -21.20
C SER A 194 -15.60 -18.80 -20.85
N LYS A 195 -15.16 -18.53 -19.62
CA LYS A 195 -13.81 -18.90 -19.21
C LYS A 195 -13.66 -20.42 -19.14
N THR A 196 -12.52 -20.92 -19.63
CA THR A 196 -12.27 -22.35 -19.61
C THR A 196 -11.96 -22.84 -18.20
N ASP A 197 -11.25 -22.04 -17.41
CA ASP A 197 -10.88 -22.41 -16.05
C ASP A 197 -12.12 -22.28 -15.17
N SER A 198 -12.89 -23.37 -15.12
CA SER A 198 -14.17 -23.35 -14.42
C SER A 198 -13.98 -23.18 -12.92
N ASN A 199 -13.14 -24.02 -12.31
CA ASN A 199 -13.08 -24.17 -10.86
C ASN A 199 -14.48 -24.50 -10.36
N PRO A 200 -14.96 -25.72 -10.61
CA PRO A 200 -16.38 -26.03 -10.36
C PRO A 200 -16.80 -25.92 -8.90
N ASN A 201 -15.85 -25.97 -7.96
CA ASN A 201 -16.20 -25.89 -6.54
C ASN A 201 -16.95 -24.58 -6.25
N PHE A 202 -16.43 -23.46 -6.75
CA PHE A 202 -17.14 -22.19 -6.62
C PHE A 202 -18.28 -22.09 -7.62
N VAL A 203 -18.19 -22.78 -8.76
CA VAL A 203 -19.21 -22.65 -9.79
C VAL A 203 -20.54 -23.23 -9.32
N TYR A 204 -20.50 -24.32 -8.54
CA TYR A 204 -21.73 -24.87 -8.00
C TYR A 204 -22.46 -23.83 -7.15
N ARG A 205 -21.73 -23.19 -6.24
CA ARG A 205 -22.32 -22.13 -5.41
C ARG A 205 -22.85 -20.99 -6.26
N MET A 206 -22.04 -20.54 -7.23
CA MET A 206 -22.43 -19.39 -8.05
C MET A 206 -23.71 -19.69 -8.82
N THR A 207 -23.79 -20.87 -9.43
CA THR A 207 -24.97 -21.23 -10.22
C THR A 207 -26.19 -21.43 -9.33
N THR A 208 -26.01 -22.08 -8.17
CA THR A 208 -27.16 -22.27 -7.29
C THR A 208 -27.72 -20.94 -6.81
N LEU A 209 -26.87 -20.01 -6.42
CA LEU A 209 -27.38 -18.73 -5.93
C LEU A 209 -27.88 -17.87 -7.08
N TYR A 210 -27.33 -18.03 -8.28
CA TYR A 210 -27.90 -17.38 -9.46
C TYR A 210 -29.32 -17.86 -9.71
N GLU A 211 -29.53 -19.18 -9.65
CA GLU A 211 -30.87 -19.73 -9.86
C GLU A 211 -31.83 -19.25 -8.77
N PHE A 212 -31.35 -19.18 -7.52
CA PHE A 212 -32.18 -18.64 -6.45
C PHE A 212 -32.56 -17.19 -6.72
N TYR A 213 -31.59 -16.38 -7.17
CA TYR A 213 -31.86 -14.99 -7.47
C TYR A 213 -32.77 -14.82 -8.69
N LYS A 214 -32.86 -15.84 -9.54
CA LYS A 214 -33.69 -15.72 -10.75
C LYS A 214 -35.16 -15.51 -10.41
N SER A 215 -35.67 -16.24 -9.41
CA SER A 215 -37.10 -16.21 -9.10
C SER A 215 -37.38 -15.68 -7.70
N HIS A 216 -36.47 -14.90 -7.13
CA HIS A 216 -36.64 -14.38 -5.78
C HIS A 216 -36.29 -12.89 -5.70
N ILE A 217 -36.42 -12.18 -6.83
CA ILE A 217 -35.86 -10.83 -6.93
C ILE A 217 -36.48 -9.89 -5.91
N ASP A 218 -37.79 -10.00 -5.68
CA ASP A 218 -38.48 -9.00 -4.86
C ASP A 218 -37.98 -9.02 -3.42
N GLU A 219 -37.97 -10.19 -2.78
CA GLU A 219 -37.61 -10.24 -1.38
C GLU A 219 -36.11 -10.08 -1.15
N VAL A 220 -35.28 -10.58 -2.07
CA VAL A 220 -33.85 -10.34 -1.92
C VAL A 220 -33.54 -8.86 -2.06
N ASN A 221 -34.19 -8.18 -3.02
CA ASN A 221 -34.01 -6.73 -3.15
C ASN A 221 -34.48 -6.01 -1.90
N SER A 222 -35.63 -6.40 -1.34
CA SER A 222 -36.14 -5.74 -0.15
C SER A 222 -35.19 -5.92 1.03
N LYS A 223 -34.70 -7.14 1.24
CA LYS A 223 -33.82 -7.39 2.39
C LYS A 223 -32.47 -6.71 2.21
N MET A 224 -31.95 -6.69 0.97
CA MET A 224 -30.70 -5.98 0.72
C MET A 224 -30.86 -4.49 0.97
N GLU A 225 -31.96 -3.91 0.50
CA GLU A 225 -32.21 -2.49 0.75
C GLU A 225 -32.33 -2.21 2.25
N THR A 226 -33.03 -3.08 2.98
CA THR A 226 -33.19 -2.88 4.41
C THR A 226 -31.85 -2.94 5.14
N MET A 227 -31.03 -3.94 4.82
CA MET A 227 -29.72 -4.06 5.46
C MET A 227 -28.83 -2.87 5.12
N SER A 228 -28.83 -2.44 3.86
CA SER A 228 -28.01 -1.30 3.47
C SER A 228 -28.45 -0.03 4.18
N ILE A 229 -29.76 0.20 4.26
CA ILE A 229 -30.26 1.38 4.96
C ILE A 229 -29.87 1.32 6.43
N ASP A 230 -30.00 0.15 7.05
CA ASP A 230 -29.62 0.00 8.45
C ASP A 230 -28.15 0.33 8.64
N SER A 231 -27.28 -0.14 7.73
CA SER A 231 -25.87 0.16 7.83
C SER A 231 -25.59 1.65 7.66
N LEU A 232 -26.29 2.30 6.72
CA LEU A 232 -25.99 3.69 6.40
C LEU A 232 -26.62 4.70 7.36
N ILE A 233 -27.62 4.31 8.14
CA ILE A 233 -28.13 5.25 9.15
C ILE A 233 -27.04 5.56 10.18
N LYS A 234 -26.32 4.54 10.64
CA LYS A 234 -25.25 4.72 11.61
C LYS A 234 -23.92 5.03 10.97
N PHE A 235 -23.91 5.53 9.74
CA PHE A 235 -22.67 5.87 9.05
C PHE A 235 -22.32 7.32 9.30
N GLY A 236 -21.08 7.57 9.72
CA GLY A 236 -20.66 8.91 10.11
C GLY A 236 -20.42 9.84 8.95
N GLY A 237 -20.42 9.33 7.72
CA GLY A 237 -20.22 10.18 6.56
C GLY A 237 -18.78 10.26 6.11
N CYS A 238 -18.58 10.49 4.82
CA CYS A 238 -17.23 10.61 4.28
C CYS A 238 -16.64 11.96 4.66
N ARG A 239 -16.33 12.14 5.94
CA ARG A 239 -15.78 13.40 6.41
C ARG A 239 -14.35 13.59 5.89
N ARG A 240 -13.93 14.84 5.80
CA ARG A 240 -12.62 15.20 5.30
C ARG A 240 -11.73 15.59 6.47
N LYS A 241 -10.58 14.93 6.60
CA LYS A 241 -9.69 15.17 7.71
C LYS A 241 -9.04 16.55 7.59
N ASP A 242 -8.88 17.22 8.73
CA ASP A 242 -8.28 18.55 8.74
C ASP A 242 -6.76 18.52 8.73
N SER A 243 -6.16 17.36 8.99
CA SER A 243 -4.69 17.27 9.02
C SER A 243 -4.08 17.09 7.64
N LYS A 244 -4.90 17.00 6.60
CA LYS A 244 -4.42 16.87 5.23
C LYS A 244 -4.68 18.20 4.53
N LYS A 245 -3.65 19.04 4.47
CA LYS A 245 -3.76 20.37 3.86
C LYS A 245 -3.56 20.21 2.35
N SER A 246 -4.66 20.20 1.61
CA SER A 246 -4.59 19.96 0.18
C SER A 246 -5.84 20.55 -0.48
N MET A 247 -5.74 20.76 -1.80
CA MET A 247 -6.83 21.31 -2.57
C MET A 247 -6.71 20.82 -4.00
N TYR A 248 -7.81 20.35 -4.57
CA TYR A 248 -7.81 19.71 -5.88
C TYR A 248 -8.63 20.53 -6.86
N ILE A 249 -8.07 20.77 -8.04
CA ILE A 249 -8.73 21.56 -9.09
C ILE A 249 -8.68 20.76 -10.39
N MET A 250 -9.74 20.87 -11.18
CA MET A 250 -9.83 20.23 -12.49
C MET A 250 -10.09 21.30 -13.54
N GLY A 251 -9.20 21.41 -14.52
CA GLY A 251 -9.40 22.36 -15.59
C GLY A 251 -10.46 21.90 -16.59
N GLY A 252 -10.92 22.86 -17.38
CA GLY A 252 -11.91 22.59 -18.40
C GLY A 252 -11.30 22.09 -19.70
N SER A 253 -12.17 21.83 -20.67
CA SER A 253 -11.71 21.35 -21.97
C SER A 253 -10.94 22.41 -22.73
N ASN A 254 -11.41 23.66 -22.68
CA ASN A 254 -10.79 24.77 -23.39
C ASN A 254 -10.07 25.74 -22.47
N THR A 255 -9.88 25.38 -21.21
CA THR A 255 -9.26 26.30 -20.27
C THR A 255 -7.79 26.51 -20.62
N PRO A 256 -7.24 27.69 -20.34
CA PRO A 256 -5.80 27.91 -20.54
C PRO A 256 -5.01 27.27 -19.42
N PHE A 257 -4.25 26.22 -19.76
CA PHE A 257 -3.41 25.51 -18.79
C PHE A 257 -2.11 25.16 -19.54
N ASP A 258 -1.13 26.03 -19.44
CA ASP A 258 0.12 25.90 -20.18
C ASP A 258 1.29 25.81 -19.21
N ILE A 259 2.20 24.88 -19.48
CA ILE A 259 3.45 24.74 -18.75
C ILE A 259 4.58 24.98 -19.74
N THR A 260 5.42 25.96 -19.46
CA THR A 260 6.50 26.34 -20.36
C THR A 260 7.80 26.50 -19.58
N GLN A 261 8.90 26.08 -20.20
CA GLN A 261 10.21 26.26 -19.60
C GLN A 261 10.57 27.74 -19.53
N ILE A 262 11.25 28.14 -18.46
CA ILE A 262 11.71 29.50 -18.30
C ILE A 262 13.21 29.57 -18.04
N GLY A 263 13.95 28.55 -18.47
CA GLY A 263 15.39 28.53 -18.29
C GLY A 263 15.81 28.29 -16.85
N GLY A 264 17.06 27.88 -16.66
CA GLY A 264 17.52 27.56 -15.32
C GLY A 264 16.86 26.35 -14.72
N ASN A 265 16.52 25.35 -15.54
CA ASN A 265 15.88 24.11 -15.09
C ASN A 265 14.57 24.39 -14.34
N SER A 266 13.88 25.47 -14.69
CA SER A 266 12.63 25.84 -14.06
C SER A 266 11.49 25.75 -15.06
N LEU A 267 10.26 25.68 -14.53
CA LEU A 267 9.07 25.60 -15.33
C LEU A 267 8.05 26.60 -14.81
N ASN A 268 7.25 27.15 -15.73
CA ASN A 268 6.21 28.11 -15.41
C ASN A 268 4.86 27.47 -15.65
N ILE A 269 3.97 27.56 -14.65
CA ILE A 269 2.63 26.98 -14.73
C ILE A 269 1.64 28.13 -14.75
N LYS A 270 0.86 28.21 -15.83
CA LYS A 270 -0.13 29.26 -16.01
C LYS A 270 -1.48 28.60 -16.25
N PHE A 271 -2.34 28.60 -15.23
CA PHE A 271 -3.65 27.98 -15.30
C PHE A 271 -4.73 29.05 -15.23
N SER A 272 -5.61 29.05 -16.23
CA SER A 272 -6.72 30.01 -16.30
C SER A 272 -6.14 31.42 -16.26
N LYS A 273 -6.68 32.31 -15.45
CA LYS A 273 -6.17 33.68 -15.34
C LYS A 273 -5.72 34.06 -13.95
N ASN A 274 -6.11 33.29 -12.92
CA ASN A 274 -5.78 33.61 -11.54
C ASN A 274 -4.59 32.84 -11.01
N LEU A 275 -3.97 31.97 -11.82
CA LEU A 275 -2.83 31.19 -11.39
C LEU A 275 -1.68 31.43 -12.35
N ASN A 276 -0.54 31.88 -11.81
CA ASN A 276 0.68 32.09 -12.59
C ASN A 276 1.85 31.93 -11.64
N VAL A 277 2.46 30.74 -11.64
CA VAL A 277 3.52 30.41 -10.70
C VAL A 277 4.69 29.77 -11.44
N ASP A 278 5.84 29.75 -10.77
CA ASP A 278 7.03 29.10 -11.25
C ASP A 278 7.40 27.97 -10.30
N VAL A 279 7.99 26.91 -10.84
CA VAL A 279 8.33 25.74 -10.05
C VAL A 279 9.81 25.42 -10.22
N PHE A 280 10.41 24.90 -9.15
CA PHE A 280 11.85 24.62 -9.16
C PHE A 280 12.21 23.59 -10.21
N GLY A 281 11.42 22.54 -10.33
CA GLY A 281 11.68 21.46 -11.26
C GLY A 281 11.97 20.16 -10.53
N ARG A 282 12.22 19.12 -11.33
CA ARG A 282 12.54 17.80 -10.81
C ARG A 282 13.61 17.16 -11.66
N TYR A 283 14.37 16.24 -11.06
CA TYR A 283 15.47 15.58 -11.75
C TYR A 283 15.01 14.46 -12.67
N ASP A 284 13.72 14.09 -12.64
CA ASP A 284 13.21 13.05 -13.51
C ASP A 284 12.37 13.59 -14.66
N VAL A 285 11.90 14.83 -14.58
CA VAL A 285 11.10 15.42 -15.63
C VAL A 285 11.90 16.40 -16.48
N ILE A 286 12.85 17.10 -15.88
CA ILE A 286 13.70 18.05 -16.59
C ILE A 286 15.15 17.81 -16.17
N LYS A 287 16.05 17.77 -17.14
CA LYS A 287 17.45 17.47 -16.88
C LYS A 287 18.31 18.30 -17.82
N ASP A 288 18.99 19.31 -17.26
CA ASP A 288 19.86 20.20 -18.03
C ASP A 288 19.05 20.91 -19.14
N ASN A 289 17.97 21.54 -18.72
CA ASN A 289 17.04 22.27 -19.58
C ASN A 289 16.42 21.39 -20.66
N THR A 290 16.55 20.07 -20.54
CA THR A 290 15.96 19.12 -21.46
C THR A 290 14.86 18.37 -20.74
N LEU A 291 13.83 17.98 -21.49
CA LEU A 291 12.65 17.33 -20.92
C LEU A 291 12.78 15.81 -21.03
N LEU A 292 12.53 15.13 -19.91
CA LEU A 292 12.54 13.67 -19.90
C LEU A 292 11.14 13.07 -20.02
N VAL A 293 10.10 13.83 -19.72
CA VAL A 293 8.72 13.40 -19.90
C VAL A 293 7.99 14.50 -20.65
N ASP A 294 6.94 14.10 -21.40
CA ASP A 294 6.18 15.03 -22.23
C ASP A 294 5.15 15.78 -21.39
N ILE A 295 5.65 16.50 -20.38
CA ILE A 295 4.78 17.26 -19.49
C ILE A 295 4.15 18.46 -20.20
N ILE A 296 4.79 18.97 -21.26
CA ILE A 296 4.30 20.18 -21.90
C ILE A 296 2.98 19.91 -22.61
N ASN A 297 2.91 18.82 -23.36
CA ASN A 297 1.72 18.50 -24.15
C ASN A 297 1.05 17.20 -23.73
N GLY A 298 1.34 16.72 -22.52
CA GLY A 298 0.73 15.49 -22.05
C GLY A 298 0.15 15.60 -20.65
N HIS A 299 0.35 16.75 -20.02
CA HIS A 299 -0.16 16.96 -18.67
C HIS A 299 -1.67 16.93 -18.65
N GLY A 300 -2.24 16.41 -17.57
CA GLY A 300 -3.67 16.38 -17.42
C GLY A 300 -4.24 17.75 -17.08
N ALA A 301 -5.56 17.83 -17.09
CA ALA A 301 -6.25 19.08 -16.83
C ALA A 301 -6.53 19.29 -15.34
N SER A 302 -6.10 18.39 -14.48
CA SER A 302 -6.32 18.51 -13.05
C SER A 302 -4.99 18.65 -12.33
N PHE A 303 -4.95 19.52 -11.32
CA PHE A 303 -3.76 19.71 -10.51
C PHE A 303 -4.19 19.78 -9.05
N VAL A 304 -3.21 19.61 -8.16
CA VAL A 304 -3.44 19.62 -6.72
C VAL A 304 -2.48 20.61 -6.08
N LEU A 305 -3.01 21.48 -5.23
CA LEU A 305 -2.21 22.40 -4.44
C LEU A 305 -2.17 21.90 -3.01
N LYS A 306 -0.97 21.63 -2.50
CA LYS A 306 -0.79 21.07 -1.16
C LYS A 306 0.35 21.78 -0.46
N ILE A 307 0.33 21.70 0.87
CA ILE A 307 1.36 22.28 1.71
C ILE A 307 2.02 21.15 2.51
N ILE A 308 3.33 21.03 2.39
CA ILE A 308 4.11 20.05 3.13
C ILE A 308 5.28 20.76 3.78
N ASN A 309 5.40 20.64 5.11
CA ASN A 309 6.45 21.31 5.87
C ASN A 309 6.45 22.82 5.62
N ASP A 310 5.24 23.40 5.58
CA ASP A 310 5.06 24.84 5.35
C ASP A 310 5.64 25.27 4.01
N GLU A 311 5.65 24.37 3.03
CA GLU A 311 6.10 24.68 1.68
C GLU A 311 5.00 24.28 0.69
N ILE A 312 4.78 25.13 -0.30
CA ILE A 312 3.68 24.95 -1.25
C ILE A 312 4.15 24.12 -2.43
N TYR A 313 3.39 23.07 -2.75
CA TYR A 313 3.67 22.22 -3.89
C TYR A 313 2.47 22.20 -4.82
N ILE A 314 2.73 21.91 -6.09
CA ILE A 314 1.68 21.74 -7.09
C ILE A 314 1.91 20.40 -7.78
N ASP A 315 0.86 19.61 -7.93
CA ASP A 315 0.95 18.27 -8.49
C ASP A 315 0.47 18.30 -9.94
N ILE A 316 1.36 17.92 -10.86
CA ILE A 316 1.03 17.84 -12.28
C ILE A 316 1.19 16.38 -12.69
N ASN A 317 0.11 15.81 -13.22
CA ASN A 317 0.09 14.41 -13.62
C ASN A 317 0.08 14.29 -15.14
N VAL A 318 0.90 13.39 -15.66
CA VAL A 318 1.13 13.26 -17.09
C VAL A 318 1.01 11.79 -17.48
N SER A 319 0.38 11.53 -18.62
CA SER A 319 0.33 10.18 -19.18
C SER A 319 1.62 9.91 -19.93
N VAL A 320 2.42 8.96 -19.42
CA VAL A 320 3.74 8.68 -19.96
C VAL A 320 3.76 7.23 -20.42
N PRO A 321 4.46 6.89 -21.50
CA PRO A 321 4.52 5.49 -21.93
C PRO A 321 5.15 4.61 -20.85
N PHE A 322 4.70 3.35 -20.82
CA PHE A 322 5.16 2.40 -19.81
C PHE A 322 5.18 1.01 -20.45
N ASP A 323 6.34 0.64 -20.97
CA ASP A 323 6.52 -0.64 -21.66
C ASP A 323 7.20 -1.61 -20.69
N LYS A 324 6.39 -2.35 -19.94
CA LYS A 324 6.88 -3.35 -19.00
C LYS A 324 6.14 -4.66 -19.23
N LYS A 325 6.90 -5.75 -19.35
CA LYS A 325 6.34 -7.06 -19.59
C LYS A 325 6.56 -7.95 -18.37
N ILE A 326 5.90 -9.11 -18.36
CA ILE A 326 6.16 -10.10 -17.34
C ILE A 326 7.54 -10.71 -17.54
N ALA A 327 8.22 -11.01 -16.44
CA ALA A 327 9.60 -11.47 -16.50
C ALA A 327 9.66 -12.98 -16.54
N THR A 328 10.58 -13.49 -17.36
CA THR A 328 10.82 -14.93 -17.42
C THR A 328 11.44 -15.41 -16.11
N THR A 329 11.52 -16.73 -15.96
CA THR A 329 12.01 -17.36 -14.75
C THR A 329 13.16 -18.31 -15.05
N ASN A 330 14.09 -17.87 -15.91
CA ASN A 330 15.27 -18.69 -16.18
C ASN A 330 16.25 -18.68 -15.02
N LYS A 331 16.16 -17.70 -14.12
CA LYS A 331 17.05 -17.63 -12.97
C LYS A 331 16.31 -16.87 -11.88
N VAL A 332 15.74 -17.61 -10.93
CA VAL A 332 14.87 -17.05 -9.90
C VAL A 332 15.68 -16.83 -8.63
N VAL A 333 15.45 -15.70 -7.98
CA VAL A 333 16.07 -15.37 -6.70
C VAL A 333 14.97 -15.35 -5.65
N GLY A 334 15.13 -16.18 -4.62
CA GLY A 334 14.23 -16.18 -3.49
C GLY A 334 14.79 -15.34 -2.37
N ILE A 335 13.92 -14.59 -1.71
CA ILE A 335 14.32 -13.69 -0.63
C ILE A 335 13.47 -14.01 0.59
N ASP A 336 14.11 -14.43 1.66
CA ASP A 336 13.45 -14.66 2.94
C ASP A 336 13.55 -13.35 3.72
N VAL A 337 12.43 -12.66 3.85
CA VAL A 337 12.38 -11.39 4.56
C VAL A 337 12.00 -11.73 6.00
N ASN A 338 13.01 -12.04 6.80
CA ASN A 338 12.88 -12.12 8.25
C ASN A 338 13.99 -11.31 8.88
N ILE A 339 13.61 -10.38 9.75
CA ILE A 339 14.54 -9.34 10.20
C ILE A 339 15.07 -9.60 11.60
N LYS A 340 15.00 -10.83 12.09
CA LYS A 340 15.54 -11.14 13.41
C LYS A 340 17.05 -10.97 13.44
N HIS A 341 17.75 -11.55 12.45
CA HIS A 341 19.20 -11.51 12.40
C HIS A 341 19.72 -10.66 11.24
N MET A 342 19.29 -10.96 10.02
CA MET A 342 19.61 -10.15 8.85
C MET A 342 18.31 -9.52 8.34
N LEU A 343 18.41 -8.82 7.21
CA LEU A 343 17.23 -8.18 6.62
C LEU A 343 16.67 -8.95 5.45
N LEU A 344 17.52 -9.47 4.56
CA LEU A 344 17.07 -10.16 3.35
C LEU A 344 17.95 -11.40 3.16
N ALA A 345 17.48 -12.54 3.63
CA ALA A 345 18.14 -13.79 3.30
C ALA A 345 17.91 -14.13 1.84
N THR A 346 18.81 -14.94 1.28
CA THR A 346 18.74 -15.23 -0.15
C THR A 346 19.25 -16.65 -0.39
N ASN A 347 18.73 -17.26 -1.45
CA ASN A 347 19.09 -18.63 -1.82
C ASN A 347 20.34 -18.71 -2.67
N ILE A 348 21.12 -17.64 -2.76
CA ILE A 348 22.33 -17.63 -3.56
C ILE A 348 23.52 -17.96 -2.66
N LEU A 349 24.22 -19.03 -2.98
CA LEU A 349 25.46 -19.34 -2.28
C LEU A 349 26.51 -18.29 -2.58
N ASP A 350 27.23 -17.85 -1.54
CA ASP A 350 28.27 -16.84 -1.70
C ASP A 350 29.60 -17.55 -1.91
N ASP A 351 29.96 -17.77 -3.17
CA ASP A 351 31.25 -18.34 -3.52
C ASP A 351 32.30 -17.27 -3.81
N GLY A 352 31.99 -16.00 -3.57
CA GLY A 352 32.90 -14.92 -3.86
C GLY A 352 32.91 -14.45 -5.30
N ASN A 353 31.95 -14.90 -6.11
CA ASN A 353 31.88 -14.53 -7.52
C ASN A 353 30.59 -13.76 -7.82
N VAL A 354 30.11 -12.97 -6.87
CA VAL A 354 28.92 -12.15 -7.05
C VAL A 354 29.38 -10.72 -7.25
N LYS A 355 29.15 -10.18 -8.45
CA LYS A 355 29.75 -8.91 -8.83
C LYS A 355 29.09 -7.76 -8.07
N GLY A 356 29.91 -6.95 -7.40
CA GLY A 356 29.43 -5.81 -6.67
C GLY A 356 28.80 -6.12 -5.33
N TYR A 357 29.02 -7.30 -4.78
CA TYR A 357 28.44 -7.71 -3.51
C TYR A 357 29.49 -7.70 -2.41
N VAL A 358 29.17 -7.04 -1.30
CA VAL A 358 29.99 -7.09 -0.09
C VAL A 358 29.26 -7.91 0.95
N ASN A 359 29.94 -8.91 1.50
CA ASN A 359 29.39 -9.79 2.52
C ASN A 359 29.86 -9.31 3.88
N ILE A 360 28.98 -8.65 4.62
CA ILE A 360 29.34 -8.14 5.93
C ILE A 360 29.66 -9.29 6.87
N TYR A 361 28.86 -10.36 6.82
CA TYR A 361 29.09 -11.50 7.70
C TYR A 361 30.42 -12.17 7.41
N LYS A 362 30.82 -12.22 6.13
CA LYS A 362 32.09 -12.83 5.76
C LYS A 362 33.26 -12.11 6.43
N GLU A 363 33.22 -10.78 6.45
CA GLU A 363 34.32 -9.98 6.97
C GLU A 363 34.08 -9.52 8.41
N VAL A 364 33.02 -10.01 9.04
CA VAL A 364 32.89 -9.87 10.49
C VAL A 364 33.58 -11.04 11.21
N ILE A 365 33.41 -12.26 10.68
CA ILE A 365 34.07 -13.42 11.24
C ILE A 365 35.55 -13.49 10.89
N ASN A 366 36.00 -12.71 9.90
CA ASN A 366 37.41 -12.62 9.56
C ASN A 366 38.08 -11.39 10.16
N ASP A 367 37.47 -10.82 11.20
CA ASP A 367 38.00 -9.63 11.87
C ASP A 367 38.69 -10.04 13.16
N SER A 368 39.93 -9.57 13.34
CA SER A 368 40.72 -9.98 14.48
C SER A 368 40.07 -9.56 15.79
N ASP A 369 39.54 -8.33 15.85
CA ASP A 369 38.95 -7.84 17.09
C ASP A 369 37.66 -8.58 17.44
N PHE A 370 36.89 -9.01 16.42
CA PHE A 370 35.63 -9.68 16.70
C PHE A 370 35.83 -11.12 17.17
N LYS A 371 36.87 -11.78 16.68
CA LYS A 371 37.12 -13.17 17.06
C LYS A 371 37.35 -13.30 18.56
N LYS A 372 38.03 -12.32 19.16
CA LYS A 372 38.42 -12.39 20.56
C LYS A 372 37.26 -12.19 21.52
N VAL A 373 36.08 -11.80 21.04
CA VAL A 373 34.98 -11.43 21.93
C VAL A 373 33.76 -12.32 21.72
N CYS A 374 33.39 -12.59 20.47
CA CYS A 374 32.15 -13.32 20.20
C CYS A 374 32.23 -14.75 20.75
N ASN A 375 31.15 -15.19 21.37
CA ASN A 375 31.08 -16.54 21.91
C ASN A 375 30.94 -17.55 20.78
N SER A 376 30.83 -18.83 21.16
CA SER A 376 30.80 -19.90 20.17
C SER A 376 29.49 -19.92 19.38
N THR A 377 28.36 -19.70 20.06
CA THR A 377 27.07 -19.79 19.39
C THR A 377 26.90 -18.70 18.35
N VAL A 378 27.23 -17.45 18.71
CA VAL A 378 27.11 -16.35 17.76
C VAL A 378 28.10 -16.51 16.61
N MET A 379 29.29 -17.03 16.92
CA MET A 379 30.27 -17.27 15.87
C MET A 379 29.77 -18.31 14.88
N GLN A 380 29.11 -19.36 15.38
CA GLN A 380 28.50 -20.36 14.50
C GLN A 380 27.38 -19.74 13.67
N TYR A 381 26.54 -18.91 14.31
CA TYR A 381 25.50 -18.18 13.59
C TYR A 381 26.09 -17.42 12.42
N PHE A 382 27.15 -16.67 12.66
CA PHE A 382 27.70 -15.79 11.64
C PHE A 382 28.47 -16.56 10.57
N THR A 383 29.06 -17.71 10.93
CA THR A 383 29.66 -18.56 9.91
C THR A 383 28.59 -19.15 9.01
N ASP A 384 27.45 -19.55 9.59
CA ASP A 384 26.37 -20.09 8.77
C ASP A 384 25.80 -19.04 7.83
N PHE A 385 25.60 -17.81 8.33
CA PHE A 385 25.00 -16.77 7.51
C PHE A 385 25.91 -16.39 6.35
N SER A 386 27.21 -16.32 6.59
CA SER A 386 28.16 -15.85 5.60
C SER A 386 28.28 -16.79 4.40
N LYS A 387 27.75 -18.01 4.48
CA LYS A 387 27.90 -18.96 3.39
C LYS A 387 26.99 -18.66 2.21
N PHE A 388 25.99 -17.81 2.39
CA PHE A 388 25.07 -17.46 1.31
C PHE A 388 24.86 -15.96 1.30
N VAL A 389 24.41 -15.46 0.15
CA VAL A 389 24.19 -14.02 -0.01
C VAL A 389 23.12 -13.56 0.97
N THR A 390 23.40 -12.46 1.67
CA THR A 390 22.48 -11.89 2.64
C THR A 390 22.72 -10.40 2.72
N PHE A 391 21.73 -9.68 3.24
CA PHE A 391 21.75 -8.23 3.20
C PHE A 391 21.40 -7.63 4.56
N CYS A 392 22.16 -6.62 4.95
CA CYS A 392 21.86 -5.78 6.13
C CYS A 392 21.78 -6.61 7.40
N PRO A 393 22.90 -7.07 7.95
CA PRO A 393 22.88 -7.73 9.26
C PRO A 393 22.23 -6.81 10.30
N LEU A 394 21.16 -7.30 10.91
CA LEU A 394 20.26 -6.49 11.71
C LEU A 394 19.93 -7.18 13.02
N GLU A 395 20.97 -7.61 13.74
CA GLU A 395 20.77 -8.36 14.98
C GLU A 395 19.98 -7.55 16.00
N PHE A 396 18.74 -7.96 16.27
CA PHE A 396 17.86 -7.21 17.14
C PHE A 396 18.38 -7.17 18.57
N ASP A 397 18.87 -8.31 19.06
CA ASP A 397 19.45 -8.35 20.39
C ASP A 397 20.64 -7.41 20.49
N PHE A 398 21.31 -7.14 19.37
CA PHE A 398 22.41 -6.18 19.40
C PHE A 398 21.91 -4.76 19.63
N LEU A 399 20.84 -4.36 18.93
CA LEU A 399 20.24 -3.07 19.20
C LEU A 399 19.74 -2.97 20.64
N PHE A 400 19.16 -4.05 21.16
CA PHE A 400 18.71 -4.02 22.55
C PHE A 400 19.87 -3.92 23.51
N SER A 401 21.01 -4.56 23.20
CA SER A 401 22.19 -4.39 24.04
C SER A 401 22.69 -2.96 24.01
N ARG A 402 22.61 -2.31 22.84
CA ARG A 402 22.96 -0.89 22.77
C ARG A 402 22.02 -0.05 23.65
N VAL A 403 20.73 -0.38 23.62
CA VAL A 403 19.77 0.31 24.48
C VAL A 403 20.13 0.10 25.96
N CYS A 404 20.52 -1.11 26.32
CA CYS A 404 20.93 -1.39 27.69
C CYS A 404 22.17 -0.58 28.07
N ASN A 405 23.14 -0.49 27.16
CA ASN A 405 24.33 0.32 27.41
C ASN A 405 23.97 1.77 27.65
N GLN A 406 23.06 2.31 26.84
CA GLN A 406 22.64 3.70 27.03
C GLN A 406 21.92 3.88 28.37
N LYS A 407 21.04 2.93 28.72
CA LYS A 407 20.21 3.07 29.91
C LYS A 407 20.93 2.68 31.20
N GLY A 408 22.17 2.18 31.11
CA GLY A 408 22.93 1.81 32.28
C GLY A 408 22.78 0.37 32.71
N ILE A 409 21.85 -0.38 32.14
CA ILE A 409 21.66 -1.78 32.49
C ILE A 409 22.69 -2.62 31.75
N TYR A 410 23.39 -3.48 32.47
CA TYR A 410 24.36 -4.37 31.83
C TYR A 410 23.64 -5.42 30.99
N ASN A 411 24.24 -5.74 29.85
CA ASN A 411 23.75 -6.82 29.00
C ASN A 411 24.92 -7.67 28.54
N ASP A 412 24.64 -8.94 28.26
CA ASP A 412 25.70 -9.90 27.97
C ASP A 412 26.45 -9.51 26.70
N ASN A 413 25.73 -9.07 25.67
CA ASN A 413 26.32 -8.85 24.35
C ASN A 413 27.09 -7.54 24.24
N SER A 414 27.34 -6.84 25.34
CA SER A 414 27.79 -5.45 25.27
C SER A 414 29.13 -5.32 24.53
N ALA A 415 30.07 -6.21 24.81
CA ALA A 415 31.40 -6.08 24.19
C ALA A 415 31.34 -6.34 22.70
N MET A 416 30.65 -7.41 22.29
CA MET A 416 30.54 -7.68 20.86
C MET A 416 29.73 -6.61 20.16
N GLU A 417 28.99 -5.78 20.90
CA GLU A 417 28.31 -4.65 20.28
C GLU A 417 29.32 -3.69 19.69
N LYS A 418 30.22 -3.20 20.54
CA LYS A 418 31.30 -2.34 20.08
C LYS A 418 32.13 -3.03 19.02
N SER A 419 32.37 -4.34 19.18
CA SER A 419 33.18 -5.04 18.19
C SER A 419 32.52 -5.04 16.82
N PHE A 420 31.22 -5.37 16.74
CA PHE A 420 30.52 -5.42 15.47
C PHE A 420 30.39 -4.03 14.87
N SER A 421 30.12 -3.02 15.70
CA SER A 421 30.05 -1.66 15.18
C SER A 421 31.39 -1.18 14.65
N ASP A 422 32.48 -1.55 15.33
CA ASP A 422 33.81 -1.21 14.84
C ASP A 422 34.09 -1.88 13.51
N VAL A 423 33.66 -3.13 13.36
CA VAL A 423 33.83 -3.82 12.08
C VAL A 423 33.04 -3.10 10.98
N LEU A 424 31.81 -2.68 11.29
CA LEU A 424 31.02 -1.97 10.29
C LEU A 424 31.66 -0.64 9.91
N ASN A 425 32.17 0.11 10.91
CA ASN A 425 32.84 1.37 10.62
C ASN A 425 34.11 1.15 9.80
N LYS A 426 34.84 0.08 10.11
CA LYS A 426 36.03 -0.26 9.33
C LYS A 426 35.67 -0.55 7.88
N LEU A 427 34.56 -1.28 7.66
CA LEU A 427 34.10 -1.50 6.29
C LEU A 427 33.74 -0.20 5.60
N LYS A 428 33.02 0.68 6.31
CA LYS A 428 32.62 1.95 5.73
C LYS A 428 33.83 2.77 5.31
N TRP A 429 34.84 2.84 6.17
CA TRP A 429 36.03 3.62 5.84
C TRP A 429 36.87 2.96 4.76
N ASN A 430 36.92 1.63 4.74
CA ASN A 430 37.60 0.92 3.66
C ASN A 430 36.97 1.26 2.32
N PHE A 431 35.64 1.29 2.27
CA PHE A 431 34.97 1.63 1.01
C PHE A 431 35.06 3.12 0.69
N ILE A 432 35.17 3.97 1.71
CA ILE A 432 35.37 5.40 1.47
C ILE A 432 36.73 5.62 0.80
N GLU A 433 37.77 5.00 1.33
CA GLU A 433 39.11 5.20 0.79
C GLU A 433 39.26 4.50 -0.56
N THR A 434 38.65 3.33 -0.72
CA THR A 434 38.73 2.61 -1.98
C THR A 434 38.07 3.36 -3.13
N GLY A 435 37.13 4.26 -2.82
CA GLY A 435 36.46 5.04 -3.83
C GLY A 435 35.18 4.42 -4.38
N ASP A 436 34.83 3.21 -3.95
CA ASP A 436 33.61 2.58 -4.44
C ASP A 436 32.40 3.22 -3.78
N ASN A 437 31.41 3.56 -4.60
CA ASN A 437 30.25 4.33 -4.13
C ASN A 437 29.14 3.44 -3.61
N THR A 438 28.69 2.47 -4.41
CA THR A 438 27.52 1.69 -4.04
C THR A 438 27.72 0.91 -2.75
N LYS A 439 28.88 0.29 -2.59
CA LYS A 439 29.14 -0.49 -1.39
C LYS A 439 29.19 0.39 -0.15
N ARG A 440 29.80 1.57 -0.28
CA ARG A 440 29.87 2.50 0.84
C ARG A 440 28.49 3.03 1.20
N ILE A 441 27.65 3.28 0.19
CA ILE A 441 26.26 3.66 0.43
C ILE A 441 25.55 2.56 1.21
N TYR A 442 25.75 1.30 0.79
CA TYR A 442 25.10 0.18 1.46
C TYR A 442 25.54 0.08 2.92
N ILE A 443 26.84 0.18 3.18
CA ILE A 443 27.35 0.02 4.53
C ILE A 443 26.83 1.13 5.44
N GLU A 444 26.90 2.38 4.96
CA GLU A 444 26.40 3.48 5.76
C GLU A 444 24.89 3.36 6.00
N ASN A 445 24.15 2.86 4.99
CA ASN A 445 22.73 2.67 5.19
C ASN A 445 22.44 1.63 6.25
N VAL A 446 23.20 0.52 6.27
CA VAL A 446 23.01 -0.48 7.31
C VAL A 446 23.27 0.12 8.68
N MET A 447 24.38 0.85 8.82
CA MET A 447 24.71 1.44 10.12
C MET A 447 23.64 2.43 10.56
N LYS A 448 23.22 3.31 9.65
CA LYS A 448 22.21 4.31 9.99
C LYS A 448 20.88 3.68 10.34
N LEU A 449 20.47 2.65 9.58
CA LEU A 449 19.22 1.96 9.88
C LEU A 449 19.27 1.29 11.24
N ARG A 450 20.40 0.65 11.57
CA ARG A 450 20.55 0.04 12.88
C ARG A 450 20.43 1.08 13.99
N SER A 451 21.06 2.24 13.81
CA SER A 451 20.95 3.29 14.81
C SER A 451 19.52 3.83 14.91
N GLN A 452 18.85 4.00 13.77
CA GLN A 452 17.55 4.65 13.77
C GLN A 452 16.43 3.76 14.25
N MET A 453 16.55 2.44 14.11
CA MET A 453 15.55 1.57 14.75
C MET A 453 15.60 1.72 16.26
N LYS A 454 16.79 1.75 16.84
CA LYS A 454 16.92 1.97 18.28
C LYS A 454 16.38 3.34 18.66
N ALA A 455 16.68 4.37 17.86
CA ALA A 455 16.16 5.70 18.14
C ALA A 455 14.64 5.72 18.10
N TYR A 456 14.05 5.06 17.11
CA TYR A 456 12.60 4.97 16.99
C TYR A 456 11.99 4.30 18.20
N ALA A 457 12.60 3.20 18.64
CA ALA A 457 12.08 2.50 19.81
C ALA A 457 12.15 3.36 21.06
N ILE A 458 13.29 4.03 21.27
CA ILE A 458 13.44 4.87 22.45
C ILE A 458 12.40 5.99 22.43
N VAL A 459 12.25 6.66 21.29
CA VAL A 459 11.36 7.82 21.23
C VAL A 459 9.90 7.38 21.35
N LYS A 460 9.54 6.22 20.79
CA LYS A 460 8.16 5.77 20.91
C LYS A 460 7.84 5.30 22.32
N ASN A 461 8.80 4.66 23.00
CA ASN A 461 8.59 4.32 24.40
C ASN A 461 8.45 5.57 25.25
N ALA A 462 9.24 6.59 24.96
CA ALA A 462 9.07 7.86 25.65
C ALA A 462 7.71 8.47 25.37
N TYR A 463 7.22 8.32 24.13
CA TYR A 463 5.89 8.78 23.79
C TYR A 463 4.82 8.09 24.62
N TYR A 464 4.93 6.76 24.74
CA TYR A 464 3.97 6.02 25.56
C TYR A 464 4.03 6.47 27.02
N LYS A 465 5.23 6.62 27.56
CA LYS A 465 5.38 7.03 28.94
C LYS A 465 4.80 8.43 29.18
N GLN A 466 5.06 9.36 28.26
CA GLN A 466 4.56 10.71 28.41
C GLN A 466 3.04 10.77 28.24
N GLN A 467 2.49 9.94 27.36
CA GLN A 467 1.04 9.86 27.25
C GLN A 467 0.42 9.34 28.54
N SER A 468 1.04 8.32 29.13
CA SER A 468 0.56 7.80 30.41
C SER A 468 0.63 8.86 31.50
N GLU A 469 1.71 9.65 31.51
CA GLU A 469 1.85 10.70 32.52
C GLU A 469 0.80 11.78 32.34
N TYR A 470 0.62 12.27 31.11
CA TYR A 470 -0.28 13.40 30.88
C TYR A 470 -1.74 12.98 31.02
N ASP A 471 -2.08 11.78 30.57
CA ASP A 471 -3.46 11.32 30.56
C ASP A 471 -3.96 10.93 31.95
N PHE A 472 -3.07 10.57 32.86
CA PHE A 472 -3.48 10.09 34.17
C PHE A 472 -4.18 11.17 34.97
N GLY A 473 -5.24 10.78 35.67
CA GLY A 473 -5.94 11.70 36.56
C GLY A 473 -6.63 12.85 35.86
N LYS A 474 -7.33 12.57 34.76
CA LYS A 474 -8.05 13.62 34.04
C LYS A 474 -9.42 13.09 33.62
N SER A 475 -10.34 14.01 33.38
CA SER A 475 -11.70 13.65 33.00
C SER A 475 -11.74 13.07 31.59
N GLU A 476 -12.74 12.21 31.36
CA GLU A 476 -12.84 11.54 30.07
C GLU A 476 -13.13 12.52 28.94
N GLU A 477 -14.01 13.49 29.17
CA GLU A 477 -14.29 14.49 28.14
C GLU A 477 -13.05 15.32 27.84
N PHE A 478 -12.31 15.71 28.87
CA PHE A 478 -11.13 16.55 28.69
C PHE A 478 -10.08 15.86 27.83
N ILE A 479 -9.88 14.55 28.03
CA ILE A 479 -8.87 13.83 27.27
C ILE A 479 -9.40 13.42 25.90
N GLN A 480 -10.70 13.17 25.78
CA GLN A 480 -11.26 12.76 24.51
C GLN A 480 -11.49 13.91 23.55
N GLU A 481 -11.47 15.16 24.05
CA GLU A 481 -11.56 16.31 23.17
C GLU A 481 -10.23 17.05 23.03
N HIS A 482 -9.28 16.80 23.93
CA HIS A 482 -7.94 17.37 23.86
C HIS A 482 -6.92 16.25 24.03
N PRO A 483 -6.75 15.42 23.01
CA PRO A 483 -5.87 14.25 23.14
C PRO A 483 -4.40 14.65 23.18
N PHE A 484 -3.58 13.71 23.63
CA PHE A 484 -2.14 13.93 23.68
C PHE A 484 -1.53 14.13 22.29
N SER A 485 -2.21 13.67 21.24
CA SER A 485 -1.64 13.76 19.91
C SER A 485 -1.56 15.21 19.42
N ASN A 486 -2.55 16.03 19.78
CA ASN A 486 -2.67 17.37 19.23
C ASN A 486 -2.10 18.46 20.12
N THR A 487 -1.50 18.11 21.25
CA THR A 487 -0.87 19.12 22.09
C THR A 487 0.50 19.46 21.54
N ASP A 488 1.17 20.43 22.17
CA ASP A 488 2.48 20.86 21.70
C ASP A 488 3.55 19.80 21.96
N LYS A 489 3.57 19.24 23.18
CA LYS A 489 4.52 18.18 23.47
C LYS A 489 4.26 16.96 22.59
N GLY A 490 3.00 16.60 22.41
CA GLY A 490 2.66 15.49 21.53
C GLY A 490 3.06 15.76 20.09
N ILE A 491 2.85 16.99 19.61
CA ILE A 491 3.19 17.27 18.23
C ILE A 491 4.71 17.26 18.04
N GLU A 492 5.47 17.69 19.04
CA GLU A 492 6.93 17.59 18.97
C GLU A 492 7.36 16.12 18.92
N ILE A 493 6.77 15.29 19.78
CA ILE A 493 7.11 13.87 19.79
C ILE A 493 6.79 13.23 18.45
N LEU A 494 5.61 13.53 17.90
CA LEU A 494 5.23 12.96 16.60
C LEU A 494 6.11 13.50 15.48
N ASN A 495 6.60 14.74 15.58
CA ASN A 495 7.56 15.23 14.59
C ASN A 495 8.85 14.41 14.64
N LYS A 496 9.34 14.13 15.85
CA LYS A 496 10.52 13.28 15.99
C LYS A 496 10.27 11.89 15.42
N LEU A 497 9.10 11.32 15.73
CA LEU A 497 8.75 10.00 15.22
C LEU A 497 8.69 9.99 13.70
N ASP A 498 8.11 11.03 13.10
CA ASP A 498 8.02 11.09 11.65
C ASP A 498 9.39 11.23 11.00
N ASN A 499 10.27 12.04 11.59
CA ASN A 499 11.62 12.17 11.06
C ASN A 499 12.35 10.84 11.10
N ILE A 500 12.28 10.14 12.24
CA ILE A 500 12.97 8.87 12.37
C ILE A 500 12.38 7.84 11.42
N SER A 501 11.05 7.83 11.26
CA SER A 501 10.41 6.90 10.35
C SER A 501 10.83 7.16 8.91
N LYS A 502 10.90 8.43 8.51
CA LYS A 502 11.35 8.75 7.15
C LYS A 502 12.78 8.27 6.93
N LYS A 503 13.65 8.48 7.91
CA LYS A 503 15.04 8.04 7.74
C LYS A 503 15.14 6.52 7.69
N ILE A 504 14.34 5.83 8.51
CA ILE A 504 14.34 4.36 8.49
C ILE A 504 13.87 3.85 7.14
N LEU A 505 12.79 4.43 6.62
CA LEU A 505 12.28 4.04 5.30
C LEU A 505 13.31 4.31 4.21
N GLY A 506 14.01 5.44 4.29
CA GLY A 506 15.01 5.74 3.29
C GLY A 506 16.17 4.76 3.31
N CYS A 507 16.68 4.44 4.49
CA CYS A 507 17.77 3.46 4.57
C CYS A 507 17.32 2.08 4.10
N ARG A 508 16.11 1.67 4.48
CA ARG A 508 15.61 0.38 4.02
C ARG A 508 15.46 0.35 2.51
N ASN A 509 14.96 1.44 1.92
CA ASN A 509 14.82 1.51 0.47
C ASN A 509 16.17 1.48 -0.21
N ASN A 510 17.17 2.15 0.37
CA ASN A 510 18.51 2.10 -0.21
C ASN A 510 19.08 0.69 -0.18
N ILE A 511 18.88 -0.02 0.92
CA ILE A 511 19.37 -1.40 1.02
C ILE A 511 18.65 -2.29 -0.01
N ILE A 512 17.34 -2.12 -0.13
CA ILE A 512 16.58 -2.91 -1.09
C ILE A 512 17.04 -2.62 -2.51
N GLN A 513 17.28 -1.34 -2.82
CA GLN A 513 17.75 -0.98 -4.15
C GLN A 513 19.13 -1.56 -4.42
N TYR A 514 20.00 -1.57 -3.41
CA TYR A 514 21.32 -2.19 -3.59
C TYR A 514 21.18 -3.67 -3.91
N SER A 515 20.30 -4.36 -3.19
CA SER A 515 20.07 -5.78 -3.47
C SER A 515 19.51 -5.98 -4.87
N TYR A 516 18.56 -5.14 -5.28
CA TYR A 516 17.97 -5.28 -6.60
C TYR A 516 18.99 -5.01 -7.70
N ASN A 517 19.85 -4.01 -7.50
CA ASN A 517 20.91 -3.74 -8.46
C ASN A 517 21.88 -4.92 -8.53
N LEU A 518 22.17 -5.54 -7.39
CA LEU A 518 23.00 -6.75 -7.39
C LEU A 518 22.36 -7.85 -8.22
N PHE A 519 21.06 -8.06 -8.04
CA PHE A 519 20.36 -9.09 -8.80
C PHE A 519 20.38 -8.77 -10.30
N GLU A 520 20.19 -7.50 -10.65
CA GLU A 520 20.22 -7.11 -12.07
C GLU A 520 21.60 -7.35 -12.66
N ILE A 521 22.65 -6.97 -11.95
CA ILE A 521 24.01 -7.09 -12.47
C ILE A 521 24.41 -8.55 -12.60
N ASN A 522 24.02 -9.38 -11.62
CA ASN A 522 24.44 -10.78 -11.63
C ASN A 522 23.78 -11.61 -12.72
N GLY A 523 22.80 -11.05 -13.43
CA GLY A 523 22.16 -11.75 -14.51
C GLY A 523 20.88 -12.46 -14.15
N TYR A 524 20.40 -12.31 -12.92
CA TYR A 524 19.15 -12.94 -12.52
C TYR A 524 17.97 -12.29 -13.25
N ASP A 525 16.91 -13.07 -13.40
CA ASP A 525 15.76 -12.64 -14.19
C ASP A 525 14.49 -12.45 -13.38
N MET A 526 14.36 -13.10 -12.22
CA MET A 526 13.10 -13.09 -11.51
C MET A 526 13.38 -13.02 -10.01
N VAL A 527 12.49 -12.37 -9.28
CA VAL A 527 12.64 -12.18 -7.83
C VAL A 527 11.36 -12.68 -7.15
N SER A 528 11.53 -13.44 -6.07
CA SER A 528 10.42 -14.05 -5.37
C SER A 528 10.39 -13.59 -3.91
N LEU A 529 9.21 -13.23 -3.43
CA LEU A 529 9.01 -12.86 -2.03
C LEU A 529 7.71 -13.45 -1.52
N GLU A 530 7.59 -13.52 -0.19
CA GLU A 530 6.35 -13.95 0.42
C GLU A 530 5.28 -12.86 0.33
N LYS A 531 4.05 -13.26 0.05
CA LYS A 531 2.93 -12.33 0.01
C LYS A 531 2.44 -12.09 1.44
N LEU A 532 3.11 -11.14 2.10
CA LEU A 532 2.74 -10.75 3.45
C LEU A 532 1.72 -9.62 3.34
N THR A 533 0.44 -9.98 3.29
CA THR A 533 -0.61 -8.98 3.16
C THR A 533 -0.62 -8.04 4.37
N SER A 534 -0.20 -8.52 5.52
CA SER A 534 -0.05 -7.70 6.71
C SER A 534 1.07 -8.28 7.56
N SER A 535 1.47 -7.52 8.58
CA SER A 535 2.50 -7.99 9.48
C SER A 535 2.02 -9.19 10.27
N GLN A 536 2.56 -10.37 9.97
CA GLN A 536 2.16 -11.57 10.68
C GLN A 536 2.65 -11.57 12.13
N PHE A 537 3.56 -10.67 12.49
CA PHE A 537 4.02 -10.51 13.86
C PHE A 537 3.47 -9.23 14.47
N LYS A 538 2.24 -8.88 14.12
CA LYS A 538 1.60 -7.66 14.59
C LYS A 538 0.86 -7.85 15.91
N LYS A 539 0.84 -9.06 16.44
CA LYS A 539 0.22 -9.36 17.71
C LYS A 539 1.28 -9.70 18.75
N LYS A 540 1.00 -9.35 20.00
CA LYS A 540 1.94 -9.59 21.10
C LYS A 540 1.57 -10.82 21.91
N LEU A 596 9.78 -6.36 33.12
CA LEU A 596 11.15 -6.03 32.72
C LEU A 596 11.41 -6.42 31.27
N SER A 597 10.84 -7.56 30.84
CA SER A 597 10.91 -7.96 29.46
C SER A 597 9.81 -7.34 28.60
N LYS A 598 8.88 -6.61 29.23
CA LYS A 598 7.89 -5.86 28.47
C LYS A 598 8.55 -4.85 27.55
N PHE A 599 9.62 -4.20 28.02
CA PHE A 599 10.38 -3.29 27.17
C PHE A 599 10.92 -4.02 25.95
N LYS A 600 11.47 -5.22 26.14
CA LYS A 600 12.01 -5.98 25.02
C LYS A 600 10.93 -6.35 24.03
N ASP A 601 9.78 -6.81 24.53
CA ASP A 601 8.69 -7.19 23.63
C ASP A 601 8.19 -5.99 22.84
N ASP A 602 8.01 -4.85 23.52
CA ASP A 602 7.55 -3.65 22.82
C ASP A 602 8.57 -3.18 21.80
N PHE A 603 9.85 -3.16 22.19
CA PHE A 603 10.95 -2.91 21.27
C PHE A 603 10.78 -3.72 19.98
N PHE A 604 10.79 -5.05 20.12
CA PHE A 604 10.74 -5.92 18.95
C PHE A 604 9.49 -5.67 18.12
N ASN A 605 8.32 -5.58 18.77
CA ASN A 605 7.08 -5.43 18.01
C ASN A 605 7.04 -4.11 17.25
N LEU A 606 7.27 -2.99 17.95
CA LEU A 606 7.17 -1.70 17.29
C LEU A 606 8.23 -1.55 16.22
N MET A 607 9.36 -2.23 16.36
CA MET A 607 10.41 -2.02 15.37
C MET A 607 10.29 -3.03 14.23
N ILE A 608 9.51 -4.09 14.41
CA ILE A 608 8.98 -4.82 13.26
C ILE A 608 8.04 -3.91 12.48
N LYS A 609 7.17 -3.20 13.19
CA LYS A 609 6.19 -2.34 12.52
C LYS A 609 6.86 -1.14 11.87
N SER A 610 8.01 -0.71 12.39
CA SER A 610 8.64 0.51 11.90
C SER A 610 9.25 0.32 10.52
N ILE A 611 9.91 -0.82 10.28
CA ILE A 611 10.56 -1.07 9.01
C ILE A 611 9.58 -1.25 7.86
N HIS A 612 8.27 -1.23 8.14
CA HIS A 612 7.26 -1.59 7.16
C HIS A 612 7.53 -2.99 6.62
N PHE A 613 7.40 -3.96 7.52
CA PHE A 613 7.82 -5.33 7.22
C PHE A 613 7.07 -5.89 6.02
N ALA A 614 5.76 -5.64 5.96
CA ALA A 614 4.96 -6.10 4.83
C ALA A 614 5.14 -5.25 3.58
N ASP A 615 5.67 -4.05 3.69
CA ASP A 615 5.82 -3.14 2.56
C ASP A 615 7.12 -3.41 1.80
N ILE A 616 8.03 -4.19 2.37
CA ILE A 616 9.33 -4.45 1.74
C ILE A 616 9.14 -5.01 0.34
N LYS A 617 8.16 -5.88 0.14
CA LYS A 617 7.85 -6.38 -1.18
C LYS A 617 7.40 -5.25 -2.11
N ASP A 618 6.57 -4.34 -1.61
CA ASP A 618 6.00 -3.29 -2.45
C ASP A 618 7.11 -2.45 -3.10
N TYR A 619 8.14 -2.12 -2.33
CA TYR A 619 9.26 -1.41 -2.93
C TYR A 619 10.00 -2.28 -3.94
N PHE A 620 9.96 -3.61 -3.78
CA PHE A 620 10.56 -4.48 -4.78
C PHE A 620 9.80 -4.41 -6.10
N ILE A 621 8.46 -4.41 -6.06
CA ILE A 621 7.71 -4.21 -7.29
C ILE A 621 7.95 -2.81 -7.86
N THR A 622 8.06 -1.82 -6.98
CA THR A 622 8.35 -0.46 -7.44
C THR A 622 9.67 -0.40 -8.19
N LEU A 623 10.69 -1.07 -7.67
CA LEU A 623 11.97 -1.16 -8.37
C LEU A 623 11.83 -1.94 -9.67
N SER A 624 11.04 -3.02 -9.66
CA SER A 624 10.86 -3.83 -10.86
C SER A 624 10.14 -3.08 -11.97
N ASN A 625 9.39 -2.02 -11.63
CA ASN A 625 8.69 -1.22 -12.62
C ASN A 625 9.64 -0.80 -13.75
N ASN A 626 10.68 -0.03 -13.41
CA ASN A 626 11.66 0.41 -14.39
C ASN A 626 12.82 -0.55 -14.56
N GLY A 627 12.90 -1.58 -13.73
CA GLY A 627 14.04 -2.49 -13.75
C GLY A 627 13.91 -3.55 -14.81
N THR A 628 14.83 -4.52 -14.75
CA THR A 628 14.87 -5.63 -15.70
C THR A 628 14.70 -6.97 -15.02
N ALA A 629 14.14 -7.00 -13.81
CA ALA A 629 13.85 -8.23 -13.10
C ALA A 629 12.47 -8.13 -12.46
N GLY A 630 11.67 -9.18 -12.62
CA GLY A 630 10.32 -9.19 -12.08
C GLY A 630 10.28 -9.58 -10.62
N VAL A 631 9.12 -9.36 -10.01
CA VAL A 631 8.91 -9.65 -8.60
C VAL A 631 7.61 -10.42 -8.46
N SER A 632 7.64 -11.52 -7.70
CA SER A 632 6.46 -12.33 -7.45
C SER A 632 6.23 -12.48 -5.96
N LEU A 633 4.96 -12.57 -5.60
CA LEU A 633 4.52 -12.77 -4.23
C LEU A 633 4.05 -14.21 -4.10
N VAL A 634 4.78 -15.02 -3.34
CA VAL A 634 4.50 -16.45 -3.17
C VAL A 634 3.78 -16.63 -1.84
N PRO A 635 3.14 -17.77 -1.59
CA PRO A 635 2.47 -17.96 -0.29
C PRO A 635 3.46 -17.89 0.86
N SER A 636 2.99 -17.36 1.98
CA SER A 636 3.80 -17.23 3.19
C SER A 636 3.38 -18.20 4.27
N TYR A 637 2.69 -19.28 3.91
CA TYR A 637 2.16 -20.21 4.88
C TYR A 637 3.09 -21.38 5.17
N PHE A 638 3.92 -21.75 4.20
CA PHE A 638 4.65 -23.00 4.27
C PHE A 638 6.08 -22.92 3.74
N THR A 639 6.60 -21.71 3.47
CA THR A 639 7.99 -21.59 3.02
C THR A 639 8.98 -21.97 4.11
N SER A 640 8.68 -21.65 5.37
CA SER A 640 9.58 -21.93 6.46
C SER A 640 9.57 -23.39 6.90
N GLN A 641 8.62 -24.18 6.40
CA GLN A 641 8.51 -25.58 6.79
C GLN A 641 8.98 -26.55 5.72
N MET A 642 9.07 -26.14 4.46
CA MET A 642 9.48 -27.06 3.41
C MET A 642 10.96 -27.35 3.48
N ASP A 643 11.30 -28.64 3.47
CA ASP A 643 12.68 -29.05 3.22
C ASP A 643 13.04 -28.71 1.77
N SER A 644 14.28 -28.25 1.56
CA SER A 644 14.69 -27.80 0.25
C SER A 644 15.41 -28.86 -0.57
N ILE A 645 15.60 -30.06 -0.03
CA ILE A 645 16.26 -31.12 -0.79
C ILE A 645 15.25 -31.94 -1.58
N ASP A 646 14.20 -32.42 -0.92
CA ASP A 646 13.13 -33.16 -1.59
C ASP A 646 11.87 -32.34 -1.77
N HIS A 647 11.87 -31.09 -1.32
CA HIS A 647 10.80 -30.13 -1.62
C HIS A 647 9.48 -30.56 -0.99
N LYS A 648 9.54 -31.21 0.17
CA LYS A 648 8.37 -31.72 0.85
C LYS A 648 8.15 -30.98 2.17
N ILE A 649 7.03 -31.27 2.81
CA ILE A 649 6.56 -30.52 3.97
C ILE A 649 6.41 -31.46 5.14
N TYR A 650 6.94 -31.05 6.30
CA TYR A 650 6.85 -31.83 7.53
C TYR A 650 5.59 -31.41 8.28
N PHE A 651 4.55 -32.24 8.20
CA PHE A 651 3.31 -31.99 8.93
C PHE A 651 2.98 -33.20 9.80
N VAL A 652 2.76 -32.94 11.09
CA VAL A 652 2.33 -33.98 12.02
C VAL A 652 1.84 -33.33 13.31
N ASN A 664 2.28 -26.71 9.78
CA ASN A 664 2.48 -27.45 11.02
C ASN A 664 2.80 -26.49 12.17
N LYS A 665 4.04 -26.54 12.65
CA LYS A 665 4.48 -25.73 13.78
C LYS A 665 5.77 -24.99 13.42
N HIS A 666 5.84 -23.72 13.83
CA HIS A 666 6.96 -22.85 13.52
C HIS A 666 8.19 -23.13 14.37
N LYS A 667 8.07 -23.98 15.39
CA LYS A 667 9.19 -24.28 16.29
C LYS A 667 10.18 -25.26 15.68
N VAL A 668 10.12 -25.48 14.36
CA VAL A 668 11.10 -26.34 13.70
C VAL A 668 12.49 -25.76 13.83
N ARG A 669 12.63 -24.45 13.62
CA ARG A 669 13.91 -23.77 13.77
C ARG A 669 14.20 -23.58 15.25
N SER A 670 14.90 -24.54 15.83
CA SER A 670 15.29 -24.48 17.23
C SER A 670 16.78 -24.71 17.45
N SER A 671 17.39 -25.60 16.69
CA SER A 671 18.79 -25.95 16.87
C SER A 671 19.67 -24.85 16.28
N GLN A 672 20.19 -23.99 17.15
CA GLN A 672 21.18 -22.95 16.80
C GLN A 672 20.80 -22.23 15.50
N GLU A 673 19.53 -21.85 15.41
CA GLU A 673 18.99 -21.13 14.25
C GLU A 673 19.26 -21.91 12.96
N LYS A 674 18.78 -23.16 12.94
CA LYS A 674 18.99 -24.05 11.81
C LYS A 674 17.78 -24.96 11.68
N HIS A 675 17.62 -25.53 10.49
CA HIS A 675 16.48 -26.37 10.16
C HIS A 675 16.81 -27.85 10.37
N ILE A 676 15.74 -28.65 10.50
CA ILE A 676 15.92 -30.09 10.64
C ILE A 676 16.56 -30.68 9.39
N ASN A 677 16.40 -30.02 8.25
CA ASN A 677 17.01 -30.50 7.01
C ASN A 677 18.52 -30.54 7.15
N GLY A 678 19.11 -29.51 7.77
CA GLY A 678 20.54 -29.42 7.90
C GLY A 678 21.06 -28.08 7.46
N LEU A 679 20.42 -27.49 6.45
CA LEU A 679 20.78 -26.15 6.03
C LEU A 679 20.21 -25.12 7.01
N ASN A 680 20.68 -23.88 6.88
CA ASN A 680 20.24 -22.83 7.77
C ASN A 680 18.77 -22.53 7.50
N ALA A 681 18.06 -22.10 8.55
CA ALA A 681 16.63 -21.89 8.45
C ALA A 681 16.28 -20.79 7.46
N ASP A 682 16.98 -19.65 7.54
CA ASP A 682 16.71 -18.56 6.60
C ASP A 682 17.09 -18.96 5.18
N TYR A 683 18.23 -19.64 5.02
CA TYR A 683 18.61 -20.15 3.72
C TYR A 683 17.59 -21.16 3.20
N ASN A 684 17.07 -22.00 4.09
CA ASN A 684 16.04 -22.97 3.69
C ASN A 684 14.79 -22.27 3.19
N ALA A 685 14.33 -21.26 3.92
CA ALA A 685 13.13 -20.54 3.50
C ALA A 685 13.35 -19.80 2.19
N ALA A 686 14.54 -19.22 2.02
CA ALA A 686 14.84 -18.56 0.75
C ALA A 686 14.85 -19.55 -0.40
N ARG A 687 15.42 -20.74 -0.18
CA ARG A 687 15.42 -21.76 -1.22
C ARG A 687 13.99 -22.20 -1.55
N ASN A 688 13.14 -22.34 -0.54
CA ASN A 688 11.75 -22.70 -0.78
C ASN A 688 11.04 -21.63 -1.60
N ILE A 689 11.25 -20.37 -1.26
CA ILE A 689 10.63 -19.27 -1.98
C ILE A 689 11.10 -19.24 -3.43
N ALA A 690 12.39 -19.49 -3.64
CA ALA A 690 12.91 -19.57 -5.00
C ALA A 690 12.31 -20.75 -5.75
N TYR A 691 12.13 -21.88 -5.08
CA TYR A 691 11.60 -23.07 -5.74
C TYR A 691 10.15 -22.89 -6.15
N ILE A 692 9.37 -22.15 -5.35
CA ILE A 692 7.97 -21.90 -5.69
C ILE A 692 7.84 -21.32 -7.09
N MET A 693 8.85 -20.57 -7.54
CA MET A 693 8.79 -19.93 -8.84
C MET A 693 9.68 -20.59 -9.90
N GLU A 694 10.76 -21.27 -9.51
CA GLU A 694 11.63 -21.85 -10.52
C GLU A 694 11.14 -23.20 -11.02
N ASN A 695 10.04 -23.71 -10.48
CA ASN A 695 9.43 -24.95 -10.93
C ASN A 695 8.08 -24.65 -11.57
N THR A 696 7.88 -25.15 -12.79
CA THR A 696 6.63 -24.89 -13.50
C THR A 696 5.44 -25.49 -12.76
N ASP A 697 5.59 -26.72 -12.25
CA ASP A 697 4.48 -27.38 -11.58
C ASP A 697 4.02 -26.60 -10.35
N CYS A 698 4.97 -26.16 -9.54
CA CYS A 698 4.60 -25.43 -8.32
C CYS A 698 3.95 -24.08 -8.64
N ARG A 699 4.43 -23.40 -9.69
CA ARG A 699 3.76 -22.16 -10.11
C ARG A 699 2.32 -22.45 -10.53
N ASN A 700 2.13 -23.43 -11.42
CA ASN A 700 0.78 -23.73 -11.88
C ASN A 700 -0.13 -24.14 -10.73
N MET A 701 0.44 -24.77 -9.69
CA MET A 701 -0.36 -25.15 -8.53
C MET A 701 -0.73 -23.95 -7.68
N PHE A 702 0.22 -23.03 -7.47
CA PHE A 702 0.02 -21.94 -6.51
C PHE A 702 -0.02 -20.55 -7.12
N MET A 703 0.59 -20.35 -8.28
CA MET A 703 0.95 -19.00 -8.74
C MET A 703 0.14 -18.67 -9.98
N LYS A 704 -0.59 -17.56 -9.94
CA LYS A 704 -1.40 -17.11 -11.06
C LYS A 704 -0.76 -15.87 -11.67
N GLN A 705 -0.37 -15.96 -12.94
CA GLN A 705 0.19 -14.82 -13.65
C GLN A 705 -0.80 -13.67 -13.69
N SER A 706 -0.29 -12.46 -13.49
CA SER A 706 -1.15 -11.28 -13.49
C SER A 706 -1.67 -10.99 -14.89
N ARG A 707 -2.76 -10.23 -14.94
CA ARG A 707 -3.41 -9.89 -16.20
C ARG A 707 -2.50 -9.04 -17.09
N THR A 708 -2.09 -9.59 -18.23
CA THR A 708 -1.22 -8.85 -19.14
C THR A 708 -1.95 -7.80 -19.95
N ASP A 709 -3.28 -7.81 -19.96
CA ASP A 709 -4.02 -6.80 -20.69
C ASP A 709 -4.08 -5.47 -19.94
N LYS A 710 -4.07 -5.49 -18.62
CA LYS A 710 -4.03 -4.28 -17.81
C LYS A 710 -2.59 -3.75 -17.76
N SER A 711 -2.35 -2.78 -16.89
CA SER A 711 -1.02 -2.23 -16.69
C SER A 711 -0.29 -2.99 -15.60
N LEU A 712 1.00 -3.23 -15.81
CA LEU A 712 1.83 -3.94 -14.85
C LEU A 712 2.50 -3.02 -13.85
N TYR A 713 2.16 -1.73 -13.84
CA TYR A 713 2.77 -0.80 -12.90
C TYR A 713 2.31 -1.10 -11.48
N ASN A 714 3.28 -1.26 -10.57
CA ASN A 714 3.01 -1.71 -9.20
C ASN A 714 2.12 -2.95 -9.19
N LYS A 715 2.43 -3.91 -10.06
CA LYS A 715 1.72 -5.16 -10.10
C LYS A 715 2.76 -6.26 -10.28
N PRO A 716 2.71 -7.31 -9.45
CA PRO A 716 3.67 -8.40 -9.59
C PRO A 716 3.51 -9.13 -10.92
N SER A 717 4.61 -9.68 -11.43
CA SER A 717 4.53 -10.51 -12.62
C SER A 717 3.68 -11.75 -12.37
N TYR A 718 3.83 -12.35 -11.19
CA TYR A 718 3.01 -13.48 -10.76
C TYR A 718 2.52 -13.21 -9.35
N GLU A 719 1.35 -13.77 -9.02
CA GLU A 719 0.77 -13.56 -7.70
C GLU A 719 -0.08 -14.75 -7.33
N THR A 720 -0.27 -14.96 -6.02
CA THR A 720 -1.02 -16.10 -5.54
C THR A 720 -2.53 -15.88 -5.66
N PHE A 721 -3.25 -16.98 -5.76
CA PHE A 721 -4.70 -16.99 -5.56
C PHE A 721 -5.08 -17.69 -4.27
N ILE A 722 -4.12 -17.90 -3.36
CA ILE A 722 -4.38 -18.54 -2.08
C ILE A 722 -4.55 -17.46 -1.02
N LYS A 723 -5.66 -17.54 -0.28
CA LYS A 723 -6.02 -16.49 0.67
C LYS A 723 -6.01 -16.94 2.12
N THR A 724 -5.82 -18.23 2.40
CA THR A 724 -5.80 -18.69 3.78
C THR A 724 -4.91 -19.92 3.90
N GLN A 725 -4.47 -20.18 5.13
CA GLN A 725 -3.59 -21.32 5.38
C GLN A 725 -4.26 -22.64 5.07
N GLY A 726 -5.54 -22.77 5.42
CA GLY A 726 -6.24 -24.02 5.19
C GLY A 726 -6.31 -24.40 3.72
N SER A 727 -6.60 -23.42 2.86
CA SER A 727 -6.64 -23.69 1.43
C SER A 727 -5.28 -24.17 0.93
N ALA A 728 -4.20 -23.54 1.40
CA ALA A 728 -2.87 -23.96 0.99
C ALA A 728 -2.58 -25.39 1.42
N VAL A 729 -2.78 -25.70 2.70
CA VAL A 729 -2.41 -27.02 3.20
C VAL A 729 -3.27 -28.09 2.54
N ALA A 730 -4.53 -27.77 2.25
CA ALA A 730 -5.36 -28.70 1.46
C ALA A 730 -4.79 -28.86 0.06
N LYS A 731 -4.27 -27.78 -0.52
CA LYS A 731 -3.74 -27.84 -1.89
C LYS A 731 -2.49 -28.72 -1.96
N LEU A 732 -1.65 -28.70 -0.92
CA LEU A 732 -0.42 -29.50 -0.97
C LEU A 732 -0.73 -30.99 -1.06
N LYS A 733 -1.69 -31.47 -0.27
CA LYS A 733 -1.83 -32.90 -0.05
C LYS A 733 -2.14 -33.66 -1.33
N LYS A 734 -2.87 -33.05 -2.28
CA LYS A 734 -3.38 -33.80 -3.42
C LYS A 734 -2.27 -34.36 -4.29
N GLU A 735 -1.20 -33.59 -4.50
CA GLU A 735 -0.14 -33.98 -5.42
C GLU A 735 1.10 -34.50 -4.71
N GLY A 736 1.01 -34.78 -3.42
CA GLY A 736 2.18 -35.21 -2.68
C GLY A 736 2.72 -34.10 -1.81
N PHE A 737 4.04 -33.98 -1.73
CA PHE A 737 4.71 -32.93 -0.96
C PHE A 737 4.27 -32.98 0.51
N VAL A 738 4.54 -34.10 1.16
CA VAL A 738 4.21 -34.25 2.57
C VAL A 738 5.09 -35.34 3.15
N LYS A 739 5.48 -35.16 4.41
CA LYS A 739 6.30 -36.11 5.15
C LYS A 739 5.88 -36.07 6.62
N ILE A 740 6.49 -36.95 7.41
CA ILE A 740 6.10 -37.15 8.80
C ILE A 740 7.32 -36.88 9.68
N LEU A 741 7.13 -36.05 10.70
CA LEU A 741 8.17 -35.79 11.68
C LEU A 741 8.18 -36.89 12.75
N ASP A 742 9.22 -36.88 13.57
CA ASP A 742 9.36 -37.88 14.62
C ASP A 742 8.31 -37.69 15.71
#